data_6XJF
#
_entry.id   6XJF
#
_cell.length_a   76.199
_cell.length_b   115.610
_cell.length_c   124.209
_cell.angle_alpha   90.000
_cell.angle_beta   90.000
_cell.angle_gamma   90.000
#
_symmetry.space_group_name_H-M   'P 21 21 21'
#
_entity_poly.entity_id   1
_entity_poly.type   'polypeptide(L)'
_entity_poly.pdbx_seq_one_letter_code
;(MSE)GRDKKNTALLD(MSE)ARDIGGDEAVEVVKALEKKGEATDEELAELTGVRVNTVRK(MSE)LYALYDAKLAT
(MSE)RRVRDDETGWYYYYWRIDTKRLPEVIRTRKLQELEKLKQ(MSE)LQEE
;
_entity_poly.pdbx_strand_id   A,B,C,D,E,F,G,H
#
# COMPACT_ATOMS: atom_id res chain seq x y z
N THR A 8 33.62 6.63 -0.91
CA THR A 8 32.88 6.41 0.32
C THR A 8 31.64 7.32 0.40
N ALA A 9 30.60 6.95 -0.35
CA ALA A 9 29.33 7.66 -0.54
C ALA A 9 28.42 7.63 0.70
N LEU A 10 29.06 7.15 1.77
CA LEU A 10 28.46 7.06 3.10
C LEU A 10 28.08 8.45 3.61
N LEU A 11 28.95 9.42 3.38
CA LEU A 11 28.74 10.80 3.83
C LEU A 11 27.58 11.50 3.13
N ASP A 12 27.29 11.14 1.89
CA ASP A 12 26.18 11.73 1.18
C ASP A 12 24.83 11.40 1.81
N ALA A 14 24.32 10.31 5.39
CA ALA A 14 24.39 10.93 6.70
C ALA A 14 24.09 12.42 6.62
N ARG A 15 24.54 13.07 5.55
CA ARG A 15 24.23 14.48 5.38
C ARG A 15 22.72 14.72 5.26
N ASP A 16 22.00 13.86 4.53
CA ASP A 16 20.54 14.05 4.44
C ASP A 16 19.83 13.87 5.78
N ILE A 17 20.38 13.10 6.72
CA ILE A 17 19.66 12.91 7.98
C ILE A 17 19.84 14.10 8.90
N GLY A 18 21.07 14.53 9.15
CA GLY A 18 21.33 15.60 10.11
C GLY A 18 22.41 16.62 9.82
N GLY A 19 22.67 16.88 8.54
CA GLY A 19 23.57 17.90 8.06
C GLY A 19 25.04 17.76 8.43
N ASP A 20 25.70 18.91 8.58
CA ASP A 20 27.15 18.94 8.81
C ASP A 20 27.57 18.17 10.05
N GLU A 21 26.75 18.20 11.10
CA GLU A 21 27.13 17.52 12.33
C GLU A 21 27.20 16.00 12.11
N ALA A 22 26.18 15.44 11.45
CA ALA A 22 26.17 14.01 11.14
C ALA A 22 27.34 13.58 10.27
N VAL A 23 27.67 14.35 9.24
CA VAL A 23 28.83 14.04 8.39
C VAL A 23 30.13 14.06 9.17
N GLU A 24 30.26 14.97 10.13
CA GLU A 24 31.45 15.01 10.98
C GLU A 24 31.56 13.77 11.87
N VAL A 25 30.43 13.31 12.42
CA VAL A 25 30.41 12.17 13.34
C VAL A 25 30.85 10.90 12.63
N VAL A 26 30.33 10.67 11.40
CA VAL A 26 30.69 9.47 10.65
C VAL A 26 32.17 9.53 10.26
N LYS A 27 32.63 10.69 9.76
CA LYS A 27 34.03 10.81 9.39
C LYS A 27 34.96 10.55 10.57
N ALA A 28 34.61 11.04 11.77
CA ALA A 28 35.48 10.80 12.92
C ALA A 28 35.39 9.34 13.36
N LEU A 29 34.17 8.77 13.30
CA LEU A 29 33.98 7.35 13.63
C LEU A 29 34.71 6.51 12.60
N GLU A 30 34.65 6.92 11.33
CA GLU A 30 35.37 6.22 10.28
C GLU A 30 36.87 6.31 10.53
N LYS A 31 37.34 7.48 10.98
CA LYS A 31 38.77 7.64 11.24
C LYS A 31 39.22 6.77 12.41
N LYS A 32 38.36 6.61 13.42
CA LYS A 32 38.72 5.85 14.62
C LYS A 32 38.35 4.38 14.57
N GLY A 33 37.45 3.98 13.69
CA GLY A 33 37.02 2.59 13.75
C GLY A 33 35.89 2.39 14.74
N GLU A 34 36.19 2.44 16.05
CA GLU A 34 35.18 2.38 17.09
C GLU A 34 35.27 3.57 18.05
N ALA A 35 34.12 3.98 18.58
CA ALA A 35 34.06 5.06 19.57
C ALA A 35 32.80 4.92 20.43
N THR A 36 32.89 5.44 21.66
CA THR A 36 31.78 5.62 22.59
C THR A 36 31.08 6.92 22.27
N ASP A 37 29.90 7.10 22.85
CA ASP A 37 29.22 8.38 22.69
C ASP A 37 30.07 9.54 23.16
N GLU A 38 30.70 9.36 24.32
CA GLU A 38 31.51 10.40 24.95
C GLU A 38 32.80 10.70 24.18
N GLU A 39 33.46 9.67 23.67
CA GLU A 39 34.67 9.86 22.88
C GLU A 39 34.42 10.69 21.63
N LEU A 40 33.28 10.49 20.97
CA LEU A 40 32.98 11.22 19.74
C LEU A 40 32.66 12.69 20.05
N ALA A 41 31.95 12.94 21.15
CA ALA A 41 31.62 14.29 21.60
C ALA A 41 32.87 15.11 21.91
N GLU A 42 33.90 14.48 22.44
CA GLU A 42 35.12 15.22 22.70
C GLU A 42 35.85 15.52 21.40
N LEU A 43 35.93 14.54 20.51
CA LEU A 43 36.58 14.73 19.23
C LEU A 43 35.95 15.85 18.41
N THR A 44 34.62 15.93 18.44
CA THR A 44 33.91 16.79 17.52
C THR A 44 33.43 18.12 18.09
N GLY A 45 33.31 18.28 19.41
CA GLY A 45 32.72 19.50 19.93
C GLY A 45 31.20 19.58 19.89
N VAL A 46 30.52 18.47 19.66
CA VAL A 46 29.07 18.40 19.61
C VAL A 46 28.63 17.98 20.99
N ARG A 47 27.48 18.49 21.43
CA ARG A 47 27.02 18.10 22.75
C ARG A 47 26.80 16.59 22.76
N VAL A 48 27.13 15.93 23.88
CA VAL A 48 27.09 14.46 23.96
C VAL A 48 25.67 13.96 23.73
N ASN A 49 24.69 14.74 24.14
CA ASN A 49 23.29 14.44 23.88
C ASN A 49 22.97 14.40 22.39
N THR A 50 23.54 15.34 21.59
CA THR A 50 23.32 15.41 20.13
C THR A 50 23.98 14.27 19.38
N VAL A 51 25.22 13.91 19.73
CA VAL A 51 25.88 12.75 19.14
C VAL A 51 24.99 11.50 19.28
N ARG A 52 24.34 11.34 20.46
CA ARG A 52 23.51 10.16 20.73
C ARG A 52 22.31 10.13 19.79
N LYS A 53 21.66 11.26 19.55
CA LYS A 53 20.53 11.24 18.64
C LYS A 53 21.01 10.85 17.24
N LEU A 55 23.70 9.01 16.41
CA LEU A 55 23.99 7.58 16.40
C LEU A 55 22.70 6.78 16.33
N TYR A 56 21.70 7.12 17.15
CA TYR A 56 20.40 6.45 17.05
C TYR A 56 19.73 6.73 15.71
N ALA A 57 19.93 7.93 15.14
CA ALA A 57 19.40 8.24 13.82
C ALA A 57 20.10 7.41 12.77
N LEU A 58 21.42 7.34 12.88
CA LEU A 58 22.24 6.50 12.02
C LEU A 58 21.88 5.04 12.18
N TYR A 59 21.57 4.61 13.42
CA TYR A 59 21.17 3.22 13.66
C TYR A 59 19.86 2.86 12.98
N ASP A 60 18.87 3.76 13.02
CA ASP A 60 17.62 3.50 12.30
C ASP A 60 17.77 3.64 10.80
N ALA A 61 18.76 4.41 10.34
CA ALA A 61 19.02 4.47 8.92
C ALA A 61 19.89 3.31 8.47
N LYS A 62 20.17 2.39 9.38
CA LYS A 62 21.01 1.23 9.15
C LYS A 62 22.41 1.59 8.65
N LEU A 63 22.98 2.68 9.15
CA LEU A 63 24.36 3.03 8.80
C LEU A 63 25.30 2.88 9.98
N ALA A 64 24.79 2.53 11.15
CA ALA A 64 25.66 2.34 12.28
C ALA A 64 25.05 1.19 13.08
N THR A 65 25.90 0.32 13.59
CA THR A 65 25.56 -0.71 14.56
C THR A 65 26.51 -0.51 15.74
N ARG A 67 28.31 -2.86 19.52
CA ARG A 67 28.35 -3.97 20.47
C ARG A 67 28.39 -3.38 21.88
N ARG A 68 27.76 -4.09 22.81
CA ARG A 68 27.45 -3.55 24.12
C ARG A 68 28.40 -4.23 25.10
N VAL A 69 29.10 -3.41 25.89
CA VAL A 69 30.04 -3.75 26.96
C VAL A 69 29.44 -3.26 28.25
N ARG A 70 29.74 -3.97 29.34
CA ARG A 70 29.16 -3.64 30.64
C ARG A 70 30.25 -2.94 31.44
N ASP A 71 29.98 -1.70 31.85
CA ASP A 71 30.89 -0.92 32.67
C ASP A 71 30.76 -1.39 34.11
N ASP A 72 31.86 -1.94 34.66
CA ASP A 72 31.86 -2.63 35.96
C ASP A 72 31.88 -1.68 37.15
N GLU A 73 32.25 -0.41 36.94
CA GLU A 73 32.14 0.57 38.01
C GLU A 73 30.69 0.82 38.40
N THR A 74 29.82 1.07 37.41
CA THR A 74 28.45 1.51 37.65
C THR A 74 27.42 0.39 37.49
N GLY A 75 27.77 -0.72 36.80
CA GLY A 75 26.86 -1.79 36.47
C GLY A 75 26.00 -1.57 35.24
N TRP A 76 26.05 -0.36 34.66
CA TRP A 76 25.33 0.04 33.45
C TRP A 76 26.12 -0.34 32.20
N TYR A 77 25.42 -0.38 31.07
CA TYR A 77 26.05 -0.67 29.80
C TYR A 77 26.44 0.62 29.08
N TYR A 78 27.45 0.52 28.21
CA TYR A 78 27.80 1.56 27.25
C TYR A 78 28.10 0.90 25.91
N TYR A 79 27.78 1.59 24.83
CA TYR A 79 27.89 1.05 23.48
C TYR A 79 29.17 1.53 22.80
N TYR A 80 29.79 0.61 22.09
CA TYR A 80 30.85 0.89 21.13
C TYR A 80 30.20 0.95 19.75
N TRP A 81 30.15 2.16 19.17
CA TRP A 81 29.54 2.31 17.87
C TRP A 81 30.57 1.94 16.81
N ARG A 82 30.05 1.57 15.67
CA ARG A 82 30.83 1.27 14.50
C ARG A 82 29.97 1.61 13.30
N ILE A 83 30.61 1.92 12.19
CA ILE A 83 29.80 2.10 11.00
C ILE A 83 29.35 0.70 10.63
N ASP A 84 28.08 0.54 10.28
CA ASP A 84 27.61 -0.79 9.94
C ASP A 84 27.89 -1.16 8.52
N THR A 85 29.01 -1.80 8.30
CA THR A 85 29.19 -2.06 6.92
C THR A 85 28.55 -3.38 6.57
N LYS A 86 27.90 -4.06 7.53
CA LYS A 86 27.27 -5.29 7.07
C LYS A 86 26.08 -4.92 6.22
N ARG A 87 25.31 -3.93 6.68
CA ARG A 87 24.17 -3.45 5.92
C ARG A 87 24.47 -2.20 5.11
N LEU A 88 25.71 -1.71 5.12
CA LEU A 88 25.98 -0.48 4.37
C LEU A 88 25.68 -0.72 2.90
N PRO A 89 26.20 -1.80 2.28
CA PRO A 89 25.92 -2.05 0.86
C PRO A 89 24.45 -2.22 0.55
N GLU A 90 23.69 -2.82 1.46
CA GLU A 90 22.25 -2.93 1.32
C GLU A 90 21.57 -1.57 1.37
N VAL A 91 22.05 -0.68 2.24
CA VAL A 91 21.45 0.64 2.30
C VAL A 91 21.70 1.35 0.99
N ILE A 92 22.91 1.22 0.46
CA ILE A 92 23.32 1.81 -0.81
C ILE A 92 22.45 1.24 -1.92
N ARG A 93 22.27 -0.08 -1.89
CA ARG A 93 21.53 -0.77 -2.91
C ARG A 93 20.08 -0.34 -2.90
N THR A 94 19.52 -0.10 -1.71
CA THR A 94 18.14 0.37 -1.67
C THR A 94 18.04 1.76 -2.27
N ARG A 95 19.04 2.63 -2.01
CA ARG A 95 19.02 3.99 -2.55
C ARG A 95 19.04 3.96 -4.08
N LYS A 96 19.83 3.06 -4.66
CA LYS A 96 19.88 2.98 -6.12
C LYS A 96 18.53 2.52 -6.63
N LEU A 97 17.92 1.58 -5.92
CA LEU A 97 16.65 1.01 -6.35
C LEU A 97 15.54 2.03 -6.22
N GLN A 98 15.60 2.85 -5.16
CA GLN A 98 14.60 3.91 -5.01
C GLN A 98 14.73 4.95 -6.12
N GLU A 99 15.97 5.29 -6.50
CA GLU A 99 16.13 6.24 -7.59
C GLU A 99 15.62 5.70 -8.93
N LEU A 100 15.84 4.43 -9.18
CA LEU A 100 15.36 3.84 -10.42
C LEU A 100 13.85 3.79 -10.44
N GLU A 101 13.25 3.50 -9.30
CA GLU A 101 11.81 3.41 -9.23
C GLU A 101 11.22 4.81 -9.45
N LYS A 102 11.94 5.86 -9.01
CA LYS A 102 11.51 7.21 -9.35
C LYS A 102 11.53 7.45 -10.85
N LEU A 103 12.52 6.89 -11.55
CA LEU A 103 12.59 7.02 -13.00
C LEU A 103 11.50 6.20 -13.69
N LYS A 104 11.17 5.02 -13.14
CA LYS A 104 10.16 4.15 -13.72
C LYS A 104 8.80 4.84 -13.79
N GLN A 105 8.48 5.64 -12.76
CA GLN A 105 7.24 6.40 -12.72
C GLN A 105 7.20 7.43 -13.85
N LEU A 107 8.66 7.03 -16.79
CA LEU A 107 8.43 6.39 -18.08
C LEU A 107 6.96 6.10 -18.32
N GLN A 108 6.19 6.11 -17.25
CA GLN A 108 4.77 5.91 -17.10
C GLN A 108 3.99 7.27 -17.14
N GLU A 109 4.71 8.41 -17.21
CA GLU A 109 4.19 9.80 -17.22
C GLU A 109 3.13 9.94 -18.29
N ASN B 7 13.14 9.93 -35.84
CA ASN B 7 12.45 8.67 -36.17
C ASN B 7 13.34 7.43 -36.01
N THR B 8 14.45 7.57 -35.28
CA THR B 8 15.43 6.49 -35.21
C THR B 8 14.86 5.23 -34.57
N ALA B 9 13.92 5.40 -33.62
CA ALA B 9 13.39 4.23 -32.91
C ALA B 9 12.57 3.29 -33.78
N LEU B 10 11.72 3.80 -34.68
CA LEU B 10 10.96 2.87 -35.52
C LEU B 10 11.86 2.03 -36.41
N LEU B 11 12.84 2.67 -37.07
CA LEU B 11 13.77 1.95 -37.91
C LEU B 11 14.71 1.07 -37.10
N ASP B 12 15.06 1.51 -35.89
CA ASP B 12 15.91 0.73 -35.01
C ASP B 12 15.19 -0.54 -34.56
N ALA B 14 12.45 -1.80 -36.43
CA ALA B 14 12.30 -2.57 -37.67
C ALA B 14 13.56 -3.35 -37.95
N ARG B 15 14.73 -2.76 -37.72
CA ARG B 15 15.95 -3.50 -37.98
C ARG B 15 16.06 -4.73 -37.09
N ASP B 16 15.69 -4.61 -35.82
CA ASP B 16 15.73 -5.76 -34.91
C ASP B 16 14.72 -6.83 -35.31
N ILE B 17 13.67 -6.45 -36.03
CA ILE B 17 12.60 -7.37 -36.44
C ILE B 17 13.01 -8.15 -37.68
N GLY B 18 13.40 -7.45 -38.73
CA GLY B 18 13.69 -8.11 -39.98
C GLY B 18 14.88 -7.56 -40.72
N GLY B 19 15.86 -7.02 -40.00
CA GLY B 19 17.09 -6.61 -40.64
C GLY B 19 16.87 -5.53 -41.67
N ASP B 20 17.74 -5.55 -42.69
CA ASP B 20 17.75 -4.51 -43.71
C ASP B 20 16.45 -4.45 -44.51
N GLU B 21 15.84 -5.61 -44.78
CA GLU B 21 14.60 -5.67 -45.54
C GLU B 21 13.41 -5.05 -44.83
N ALA B 22 13.25 -5.31 -43.53
CA ALA B 22 12.18 -4.68 -42.76
C ALA B 22 12.30 -3.16 -42.76
N VAL B 23 13.52 -2.67 -42.55
CA VAL B 23 13.79 -1.24 -42.57
C VAL B 23 13.45 -0.67 -43.93
N GLU B 24 13.78 -1.39 -45.00
CA GLU B 24 13.43 -0.87 -46.32
C GLU B 24 11.92 -0.86 -46.52
N VAL B 25 11.23 -1.89 -46.07
CA VAL B 25 9.78 -1.91 -46.22
C VAL B 25 9.14 -0.77 -45.45
N VAL B 26 9.59 -0.52 -44.22
CA VAL B 26 8.99 0.58 -43.45
C VAL B 26 9.30 1.92 -44.12
N LYS B 27 10.54 2.12 -44.54
CA LYS B 27 10.94 3.34 -45.21
C LYS B 27 10.09 3.61 -46.46
N ALA B 28 9.76 2.56 -47.24
CA ALA B 28 8.95 2.73 -48.43
C ALA B 28 7.49 3.05 -48.09
N LEU B 29 7.01 2.44 -47.02
CA LEU B 29 5.65 2.60 -46.52
C LEU B 29 5.39 4.01 -46.06
N GLU B 30 6.43 4.63 -45.52
CA GLU B 30 6.38 6.03 -45.08
C GLU B 30 6.23 6.95 -46.28
N LYS B 31 7.01 6.72 -47.36
CA LYS B 31 6.95 7.59 -48.54
C LYS B 31 5.61 7.51 -49.28
N LYS B 32 4.97 6.34 -49.29
CA LYS B 32 3.68 6.18 -49.97
C LYS B 32 2.48 6.45 -49.09
N GLY B 33 2.63 6.41 -47.76
CA GLY B 33 1.49 6.53 -46.87
C GLY B 33 0.81 5.20 -46.66
N GLU B 34 0.14 4.70 -47.70
CA GLU B 34 -0.47 3.38 -47.73
C GLU B 34 0.14 2.66 -48.93
N ALA B 35 0.27 1.34 -48.86
CA ALA B 35 0.77 0.67 -50.06
C ALA B 35 0.29 -0.75 -50.03
N THR B 36 0.13 -1.34 -51.21
CA THR B 36 -0.09 -2.76 -51.13
C THR B 36 1.25 -3.46 -51.04
N ASP B 37 1.20 -4.73 -50.65
CA ASP B 37 2.41 -5.56 -50.61
C ASP B 37 3.03 -5.67 -51.99
N GLU B 38 2.22 -5.76 -53.06
CA GLU B 38 2.77 -5.83 -54.42
C GLU B 38 3.45 -4.51 -54.81
N GLU B 39 2.87 -3.37 -54.41
CA GLU B 39 3.51 -2.06 -54.62
C GLU B 39 4.85 -1.99 -53.92
N LEU B 40 4.93 -2.56 -52.72
CA LEU B 40 6.16 -2.54 -51.92
C LEU B 40 7.26 -3.41 -52.51
N ALA B 41 6.91 -4.58 -53.05
CA ALA B 41 7.92 -5.43 -53.67
C ALA B 41 8.61 -4.75 -54.85
N GLU B 42 7.87 -3.99 -55.67
CA GLU B 42 8.53 -3.28 -56.76
C GLU B 42 9.35 -2.12 -56.24
N LEU B 43 8.78 -1.36 -55.30
CA LEU B 43 9.50 -0.21 -54.77
C LEU B 43 10.81 -0.62 -54.13
N THR B 44 10.83 -1.71 -53.40
CA THR B 44 12.05 -1.94 -52.66
C THR B 44 12.93 -2.93 -53.38
N GLY B 45 12.39 -3.60 -54.38
CA GLY B 45 13.21 -4.55 -55.07
C GLY B 45 13.35 -5.82 -54.30
N VAL B 46 12.41 -6.14 -53.38
CA VAL B 46 12.47 -7.36 -52.60
C VAL B 46 11.40 -8.26 -53.19
N ARG B 47 11.55 -9.58 -53.05
CA ARG B 47 10.46 -10.47 -53.45
C ARG B 47 9.16 -10.24 -52.69
N VAL B 48 8.04 -10.38 -53.39
CA VAL B 48 6.76 -10.07 -52.77
C VAL B 48 6.43 -10.97 -51.59
N ASN B 49 6.82 -12.25 -51.63
CA ASN B 49 6.59 -13.08 -50.44
C ASN B 49 7.39 -12.60 -49.22
N THR B 50 8.63 -12.13 -49.45
CA THR B 50 9.44 -11.59 -48.36
C THR B 50 8.80 -10.31 -47.85
N VAL B 51 8.36 -9.44 -48.77
CA VAL B 51 7.63 -8.25 -48.35
C VAL B 51 6.44 -8.64 -47.49
N ARG B 52 5.68 -9.68 -47.87
CA ARG B 52 4.54 -10.00 -47.03
C ARG B 52 4.98 -10.46 -45.65
N LYS B 53 6.04 -11.28 -45.56
CA LYS B 53 6.51 -11.67 -44.24
C LYS B 53 6.99 -10.48 -43.44
N LEU B 55 5.73 -7.62 -43.43
CA LEU B 55 4.61 -6.82 -42.94
C LEU B 55 3.93 -7.47 -41.75
N TYR B 56 3.71 -8.77 -41.81
CA TYR B 56 3.11 -9.43 -40.65
C TYR B 56 4.03 -9.38 -39.43
N ALA B 57 5.34 -9.46 -39.63
CA ALA B 57 6.23 -9.33 -38.49
C ALA B 57 6.09 -7.94 -37.89
N LEU B 58 5.97 -6.92 -38.74
CA LEU B 58 5.68 -5.58 -38.26
C LEU B 58 4.32 -5.51 -37.58
N TYR B 59 3.35 -6.29 -38.06
CA TYR B 59 2.03 -6.34 -37.41
C TYR B 59 2.05 -6.97 -36.03
N ASP B 60 2.82 -8.05 -35.82
CA ASP B 60 2.82 -8.63 -34.48
C ASP B 60 3.54 -7.76 -33.47
N ALA B 61 4.47 -6.92 -33.89
CA ALA B 61 5.11 -5.93 -33.04
C ALA B 61 4.30 -4.64 -32.91
N LYS B 62 3.09 -4.59 -33.44
CA LYS B 62 2.27 -3.37 -33.42
C LYS B 62 2.95 -2.14 -34.05
N LEU B 63 3.67 -2.33 -35.17
CA LEU B 63 4.28 -1.19 -35.81
C LEU B 63 3.65 -0.85 -37.16
N ALA B 64 2.79 -1.71 -37.70
CA ALA B 64 2.11 -1.48 -38.97
C ALA B 64 0.71 -2.08 -38.86
N THR B 65 -0.28 -1.41 -39.44
CA THR B 65 -1.62 -1.99 -39.53
C THR B 65 -2.03 -1.94 -40.97
N ARG B 67 -5.83 -2.08 -43.90
CA ARG B 67 -7.26 -2.03 -44.20
C ARG B 67 -7.49 -2.99 -45.36
N ARG B 68 -8.67 -3.59 -45.41
CA ARG B 68 -8.98 -4.69 -46.32
C ARG B 68 -9.88 -4.25 -47.48
N VAL B 69 -9.44 -4.57 -48.69
CA VAL B 69 -10.15 -4.30 -49.94
C VAL B 69 -10.48 -5.63 -50.62
N ARG B 70 -11.53 -5.63 -51.45
CA ARG B 70 -12.05 -6.81 -52.14
C ARG B 70 -11.77 -6.59 -53.62
N ASP B 71 -11.05 -7.51 -54.24
CA ASP B 71 -11.00 -7.46 -55.69
C ASP B 71 -12.26 -8.14 -56.22
N ASP B 72 -13.07 -7.37 -56.97
CA ASP B 72 -14.40 -7.82 -57.39
C ASP B 72 -14.35 -8.78 -58.55
N GLU B 73 -13.21 -8.82 -59.25
CA GLU B 73 -12.94 -9.81 -60.28
C GLU B 73 -12.85 -11.23 -59.71
N THR B 74 -12.05 -11.39 -58.63
CA THR B 74 -11.73 -12.70 -58.07
C THR B 74 -12.52 -13.09 -56.81
N GLY B 75 -13.10 -12.12 -56.11
CA GLY B 75 -13.77 -12.27 -54.82
C GLY B 75 -12.81 -12.36 -53.62
N TRP B 76 -11.52 -12.52 -53.84
CA TRP B 76 -10.46 -12.64 -52.83
C TRP B 76 -10.20 -11.25 -52.25
N TYR B 77 -9.64 -11.19 -51.05
CA TYR B 77 -9.29 -9.88 -50.50
C TYR B 77 -7.82 -9.55 -50.67
N TYR B 78 -7.50 -8.23 -50.69
CA TYR B 78 -6.15 -7.65 -50.66
C TYR B 78 -6.06 -6.46 -49.66
N TYR B 79 -4.94 -6.34 -48.95
CA TYR B 79 -4.65 -5.34 -47.91
C TYR B 79 -3.75 -4.17 -48.30
N TYR B 80 -4.17 -2.92 -47.93
CA TYR B 80 -3.40 -1.68 -48.12
C TYR B 80 -2.74 -1.44 -46.76
N TRP B 81 -1.42 -1.62 -46.68
CA TRP B 81 -0.73 -1.47 -45.42
C TRP B 81 -0.40 0.00 -45.17
N ARG B 82 -0.26 0.35 -43.91
CA ARG B 82 0.12 1.69 -43.52
C ARG B 82 0.88 1.58 -42.22
N ILE B 83 1.72 2.58 -41.96
CA ILE B 83 2.32 2.66 -40.64
C ILE B 83 1.20 2.93 -39.63
N ASP B 84 1.32 2.37 -38.45
CA ASP B 84 0.27 2.53 -37.46
C ASP B 84 0.73 3.46 -36.35
N THR B 85 0.46 4.74 -36.54
CA THR B 85 1.02 5.64 -35.58
C THR B 85 0.15 5.81 -34.35
N LYS B 86 -1.01 5.16 -34.30
CA LYS B 86 -1.82 5.23 -33.09
C LYS B 86 -1.20 4.40 -31.97
N ARG B 87 -0.68 3.21 -32.34
CA ARG B 87 -0.12 2.30 -31.36
C ARG B 87 1.39 2.45 -31.25
N LEU B 88 2.00 3.35 -32.04
CA LEU B 88 3.45 3.46 -32.04
C LEU B 88 3.99 3.98 -30.72
N PRO B 89 3.51 5.10 -30.18
CA PRO B 89 4.08 5.63 -28.94
C PRO B 89 4.00 4.65 -27.78
N GLU B 90 2.95 3.82 -27.75
CA GLU B 90 2.85 2.78 -26.72
C GLU B 90 4.00 1.79 -26.83
N VAL B 91 4.37 1.44 -28.06
CA VAL B 91 5.44 0.49 -28.28
C VAL B 91 6.74 1.12 -27.83
N ILE B 92 6.90 2.42 -28.09
CA ILE B 92 8.11 3.12 -27.74
C ILE B 92 8.29 3.13 -26.23
N ARG B 93 7.22 3.45 -25.52
CA ARG B 93 7.31 3.53 -24.07
C ARG B 93 7.60 2.19 -23.42
N THR B 94 7.08 1.12 -24.01
CA THR B 94 7.33 -0.26 -23.55
C THR B 94 8.78 -0.67 -23.71
N ARG B 95 9.36 -0.33 -24.85
CA ARG B 95 10.77 -0.61 -25.08
C ARG B 95 11.60 0.10 -24.04
N LYS B 96 11.21 1.32 -23.67
CA LYS B 96 11.92 2.06 -22.64
C LYS B 96 11.78 1.37 -21.27
N LEU B 97 10.60 0.83 -20.97
CA LEU B 97 10.39 0.21 -19.66
C LEU B 97 11.06 -1.14 -19.56
N GLN B 98 11.03 -1.91 -20.66
CA GLN B 98 11.70 -3.20 -20.64
C GLN B 98 13.19 -3.02 -20.45
N GLU B 99 13.77 -1.99 -21.06
CA GLU B 99 15.18 -1.76 -20.81
C GLU B 99 15.45 -1.40 -19.36
N LEU B 100 14.58 -0.59 -18.77
CA LEU B 100 14.79 -0.21 -17.37
C LEU B 100 14.65 -1.42 -16.47
N GLU B 101 13.74 -2.33 -16.84
CA GLU B 101 13.51 -3.53 -16.05
C GLU B 101 14.74 -4.41 -16.11
N LYS B 102 15.39 -4.43 -17.27
CA LYS B 102 16.62 -5.17 -17.42
C LYS B 102 17.69 -4.60 -16.49
N LEU B 103 17.68 -3.27 -16.31
CA LEU B 103 18.61 -2.63 -15.37
C LEU B 103 18.21 -2.90 -13.93
N LYS B 104 16.90 -2.91 -13.64
CA LYS B 104 16.46 -3.17 -12.28
C LYS B 104 16.89 -4.55 -11.82
N GLN B 105 16.84 -5.54 -12.72
CA GLN B 105 17.28 -6.87 -12.35
C GLN B 105 18.75 -6.86 -11.97
N LEU B 107 20.56 -4.30 -10.69
CA LEU B 107 20.76 -3.68 -9.38
C LEU B 107 20.27 -4.58 -8.25
N GLN B 108 19.50 -5.63 -8.55
CA GLN B 108 19.09 -6.55 -7.51
C GLN B 108 20.06 -7.73 -7.36
N GLU B 109 21.05 -7.87 -8.24
CA GLU B 109 22.01 -8.98 -8.19
C GLU B 109 22.64 -9.22 -6.84
N ASN C 7 0.03 14.61 -19.88
CA ASN C 7 -0.29 15.75 -19.02
C ASN C 7 -0.01 15.49 -17.52
N THR C 8 -0.22 14.25 -17.05
CA THR C 8 0.22 13.83 -15.71
C THR C 8 1.58 14.44 -15.38
N ALA C 9 2.46 14.46 -16.38
CA ALA C 9 3.81 14.94 -16.16
C ALA C 9 3.78 16.46 -15.95
N LEU C 10 2.93 17.15 -16.71
CA LEU C 10 2.82 18.59 -16.52
C LEU C 10 2.39 18.92 -15.10
N LEU C 11 1.40 18.19 -14.58
CA LEU C 11 0.94 18.46 -13.23
C LEU C 11 2.01 18.11 -12.21
N ASP C 12 2.82 17.09 -12.48
CA ASP C 12 3.91 16.76 -11.55
C ASP C 12 4.97 17.87 -11.51
N ALA C 14 4.82 20.99 -12.23
CA ALA C 14 4.27 22.17 -11.59
C ALA C 14 4.25 22.00 -10.07
N ARG C 15 3.93 20.80 -9.59
CA ARG C 15 3.99 20.57 -8.15
C ARG C 15 5.40 20.74 -7.61
N ASP C 16 6.41 20.25 -8.32
CA ASP C 16 7.78 20.44 -7.84
C ASP C 16 8.20 21.92 -7.83
N ILE C 17 7.63 22.76 -8.69
CA ILE C 17 8.00 24.17 -8.74
C ILE C 17 7.29 24.96 -7.64
N GLY C 18 5.95 24.81 -7.54
CA GLY C 18 5.15 25.60 -6.60
C GLY C 18 4.00 24.92 -5.88
N GLY C 19 4.11 23.61 -5.68
CA GLY C 19 3.21 22.81 -4.87
C GLY C 19 1.76 22.75 -5.32
N ASP C 20 0.87 22.57 -4.33
CA ASP C 20 -0.55 22.36 -4.60
C ASP C 20 -1.17 23.53 -5.37
N GLU C 21 -0.73 24.74 -5.07
CA GLU C 21 -1.30 25.90 -5.73
C GLU C 21 -1.01 25.87 -7.21
N ALA C 22 0.22 25.57 -7.56
CA ALA C 22 0.61 25.50 -8.96
C ALA C 22 -0.19 24.47 -9.73
N VAL C 23 -0.42 23.30 -9.13
CA VAL C 23 -1.20 22.27 -9.83
C VAL C 23 -2.58 22.78 -10.16
N GLU C 24 -3.18 23.57 -9.27
CA GLU C 24 -4.48 24.18 -9.59
C GLU C 24 -4.38 25.16 -10.74
N VAL C 25 -3.29 25.92 -10.80
CA VAL C 25 -3.15 26.93 -11.85
C VAL C 25 -3.07 26.26 -13.20
N VAL C 26 -2.29 25.18 -13.32
CA VAL C 26 -2.17 24.46 -14.59
C VAL C 26 -3.50 23.79 -14.98
N LYS C 27 -4.16 23.12 -14.02
CA LYS C 27 -5.44 22.45 -14.31
C LYS C 27 -6.47 23.44 -14.83
N ALA C 28 -6.52 24.63 -14.24
CA ALA C 28 -7.47 25.66 -14.66
C ALA C 28 -7.07 26.26 -16.00
N LEU C 29 -5.76 26.43 -16.23
CA LEU C 29 -5.32 26.95 -17.52
C LEU C 29 -5.62 25.98 -18.65
N GLU C 30 -5.36 24.68 -18.43
CA GLU C 30 -5.65 23.67 -19.45
C GLU C 30 -7.15 23.51 -19.69
N LYS C 31 -7.93 23.50 -18.61
CA LYS C 31 -9.36 23.32 -18.79
C LYS C 31 -9.94 24.53 -19.49
N LYS C 32 -9.41 25.73 -19.18
CA LYS C 32 -9.92 26.99 -19.71
C LYS C 32 -9.26 27.43 -21.03
N GLY C 33 -8.10 26.89 -21.37
CA GLY C 33 -7.38 27.33 -22.56
C GLY C 33 -6.48 28.53 -22.37
N GLU C 34 -7.11 29.70 -22.24
CA GLU C 34 -6.44 30.94 -21.87
C GLU C 34 -7.16 31.54 -20.67
N ALA C 35 -6.39 32.20 -19.82
CA ALA C 35 -6.93 32.86 -18.64
C ALA C 35 -5.95 33.98 -18.31
N THR C 36 -6.48 35.02 -17.66
CA THR C 36 -5.66 36.08 -17.10
C THR C 36 -5.12 35.72 -15.72
N ASP C 37 -4.12 36.52 -15.30
CA ASP C 37 -3.56 36.46 -13.95
C ASP C 37 -4.70 36.64 -13.00
N GLU C 38 -5.51 37.56 -13.41
CA GLU C 38 -6.62 38.09 -12.72
C GLU C 38 -7.71 37.01 -12.54
N GLU C 39 -8.01 36.24 -13.61
CA GLU C 39 -8.96 35.13 -13.53
C GLU C 39 -8.52 34.00 -12.62
N LEU C 40 -7.23 33.66 -12.69
CA LEU C 40 -6.70 32.53 -11.96
C LEU C 40 -6.64 32.80 -10.46
N ALA C 41 -6.30 34.01 -10.09
CA ALA C 41 -6.30 34.36 -8.68
C ALA C 41 -7.69 34.23 -8.08
N GLU C 42 -8.72 34.58 -8.84
CA GLU C 42 -10.06 34.43 -8.31
C GLU C 42 -10.47 32.98 -8.24
N LEU C 43 -10.16 32.22 -9.29
CA LEU C 43 -10.50 30.81 -9.34
C LEU C 43 -9.89 30.01 -8.19
N THR C 44 -8.68 30.35 -7.79
CA THR C 44 -7.94 29.50 -6.87
C THR C 44 -8.01 29.98 -5.42
N GLY C 45 -8.41 31.23 -5.17
CA GLY C 45 -8.44 31.88 -3.86
C GLY C 45 -7.14 32.40 -3.34
N VAL C 46 -6.17 32.47 -4.18
CA VAL C 46 -4.82 32.95 -3.96
C VAL C 46 -4.70 34.39 -4.40
N ARG C 47 -3.86 35.10 -3.69
CA ARG C 47 -3.61 36.51 -3.97
C ARG C 47 -3.05 36.66 -5.39
N VAL C 48 -3.49 37.70 -6.12
CA VAL C 48 -3.10 37.82 -7.54
C VAL C 48 -1.60 38.01 -7.68
N ASN C 49 -0.99 38.68 -6.72
CA ASN C 49 0.45 38.84 -6.69
C ASN C 49 1.12 37.48 -6.61
N THR C 50 0.57 36.57 -5.82
CA THR C 50 1.11 35.22 -5.70
C THR C 50 0.91 34.43 -7.01
N VAL C 51 -0.28 34.52 -7.60
CA VAL C 51 -0.53 33.90 -8.90
C VAL C 51 0.49 34.35 -9.94
N ARG C 52 0.83 35.63 -9.96
CA ARG C 52 1.74 36.12 -10.98
C ARG C 52 3.11 35.50 -10.79
N LYS C 53 3.57 35.43 -9.57
CA LYS C 53 4.90 34.89 -9.38
C LYS C 53 4.97 33.44 -9.80
N LEU C 55 3.02 32.14 -12.45
CA LEU C 55 3.03 32.17 -13.91
C LEU C 55 4.42 32.49 -14.44
N TYR C 56 5.09 33.50 -13.89
CA TYR C 56 6.44 33.75 -14.33
C TYR C 56 7.36 32.58 -13.99
N ALA C 57 7.11 31.88 -12.89
CA ALA C 57 7.93 30.70 -12.57
C ALA C 57 7.73 29.59 -13.61
N LEU C 58 6.49 29.34 -14.02
CA LEU C 58 6.25 28.38 -15.11
C LEU C 58 6.91 28.82 -16.43
N TYR C 59 6.89 30.12 -16.74
CA TYR C 59 7.51 30.60 -17.95
C TYR C 59 9.01 30.34 -17.95
N ASP C 60 9.67 30.54 -16.81
CA ASP C 60 11.08 30.25 -16.77
C ASP C 60 11.35 28.76 -16.86
N ALA C 61 10.39 27.92 -16.47
CA ALA C 61 10.52 26.49 -16.68
C ALA C 61 10.05 26.06 -18.08
N LYS C 62 9.68 27.02 -18.93
CA LYS C 62 9.14 26.75 -20.27
C LYS C 62 7.90 25.84 -20.26
N LEU C 63 7.02 26.00 -19.26
CA LEU C 63 5.77 25.26 -19.29
C LEU C 63 4.53 26.15 -19.51
N ALA C 64 4.68 27.48 -19.55
CA ALA C 64 3.55 28.34 -19.79
C ALA C 64 4.03 29.54 -20.59
N THR C 65 3.21 30.00 -21.52
CA THR C 65 3.41 31.24 -22.22
C THR C 65 2.19 32.13 -22.04
N ARG C 67 0.32 35.87 -24.15
CA ARG C 67 0.24 36.81 -25.26
C ARG C 67 -0.71 37.91 -24.83
N ARG C 68 -0.46 39.11 -25.30
CA ARG C 68 -1.05 40.28 -24.71
C ARG C 68 -2.14 40.73 -25.66
N VAL C 69 -3.36 40.89 -25.14
CA VAL C 69 -4.44 41.39 -25.96
C VAL C 69 -4.99 42.71 -25.45
N ARG C 70 -5.40 43.53 -26.39
CA ARG C 70 -5.97 44.84 -26.15
C ARG C 70 -7.41 44.54 -26.48
N ASP C 71 -8.32 44.72 -25.54
CA ASP C 71 -9.70 44.44 -25.90
C ASP C 71 -10.23 45.61 -26.72
N ASP C 72 -10.61 45.31 -27.96
CA ASP C 72 -10.95 46.33 -28.94
C ASP C 72 -12.34 46.88 -28.68
N GLU C 73 -13.16 46.15 -27.93
CA GLU C 73 -14.46 46.67 -27.51
C GLU C 73 -14.30 47.85 -26.55
N THR C 74 -13.53 47.66 -25.46
CA THR C 74 -13.42 48.66 -24.40
C THR C 74 -12.10 49.45 -24.39
N GLY C 75 -11.03 48.92 -24.99
CA GLY C 75 -9.71 49.54 -24.90
C GLY C 75 -8.85 49.31 -23.66
N TRP C 76 -8.36 48.08 -23.39
CA TRP C 76 -7.50 47.81 -22.23
C TRP C 76 -6.42 46.76 -22.50
N TYR C 77 -5.38 46.75 -21.64
CA TYR C 77 -4.30 45.78 -21.71
C TYR C 77 -4.61 44.65 -20.75
N TYR C 78 -4.04 43.46 -21.04
CA TYR C 78 -3.95 42.29 -20.18
C TYR C 78 -3.37 41.08 -20.90
N TYR C 79 -2.62 40.23 -20.20
CA TYR C 79 -1.91 39.14 -20.84
C TYR C 79 -2.80 37.92 -20.63
N TYR C 80 -2.92 37.15 -21.69
CA TYR C 80 -3.53 35.83 -21.70
C TYR C 80 -2.55 34.67 -21.60
N TRP C 81 -2.57 33.98 -20.47
CA TRP C 81 -1.66 32.85 -20.35
C TRP C 81 -2.30 31.61 -20.98
N ARG C 82 -1.43 30.70 -21.40
CA ARG C 82 -1.70 29.38 -21.93
C ARG C 82 -0.53 28.47 -21.60
N ILE C 83 -0.79 27.17 -21.51
CA ILE C 83 0.33 26.25 -21.37
C ILE C 83 1.01 26.20 -22.74
N ASP C 84 2.35 26.25 -22.75
CA ASP C 84 3.03 26.23 -24.04
C ASP C 84 3.24 24.80 -24.43
N THR C 85 2.32 24.27 -25.20
CA THR C 85 2.57 22.88 -25.45
C THR C 85 3.45 22.64 -26.64
N LYS C 86 3.99 23.67 -27.30
CA LYS C 86 4.83 23.31 -28.43
C LYS C 86 6.15 22.72 -27.95
N ARG C 87 6.73 23.30 -26.90
CA ARG C 87 8.00 22.81 -26.38
C ARG C 87 7.84 21.92 -25.17
N LEU C 88 6.61 21.56 -24.80
CA LEU C 88 6.40 20.77 -23.60
C LEU C 88 7.11 19.41 -23.67
N PRO C 89 6.98 18.63 -24.74
CA PRO C 89 7.65 17.31 -24.80
C PRO C 89 9.16 17.35 -24.70
N GLU C 90 9.83 18.38 -25.24
CA GLU C 90 11.29 18.48 -25.04
C GLU C 90 11.62 18.70 -23.58
N VAL C 91 10.79 19.46 -22.87
CA VAL C 91 11.04 19.66 -21.45
C VAL C 91 10.88 18.30 -20.76
N ILE C 92 9.89 17.52 -21.22
CA ILE C 92 9.64 16.19 -20.69
C ILE C 92 10.88 15.33 -20.91
N ARG C 93 11.44 15.40 -22.12
CA ARG C 93 12.60 14.56 -22.43
C ARG C 93 13.78 14.97 -21.60
N THR C 94 13.91 16.27 -21.35
CA THR C 94 14.98 16.75 -20.49
C THR C 94 14.77 16.27 -19.06
N ARG C 95 13.52 16.25 -18.61
CA ARG C 95 13.30 15.76 -17.26
C ARG C 95 13.72 14.29 -17.15
N LYS C 96 13.39 13.49 -18.16
CA LYS C 96 13.75 12.08 -18.13
C LYS C 96 15.28 11.91 -18.21
N LEU C 97 15.96 12.72 -19.01
CA LEU C 97 17.39 12.54 -19.13
C LEU C 97 18.11 12.96 -17.84
N GLN C 98 17.64 14.05 -17.19
CA GLN C 98 18.22 14.48 -15.93
C GLN C 98 18.01 13.49 -14.79
N GLU C 99 16.84 12.87 -14.73
CA GLU C 99 16.61 11.88 -13.68
C GLU C 99 17.55 10.71 -13.86
N LEU C 100 17.78 10.36 -15.12
CA LEU C 100 18.69 9.27 -15.45
C LEU C 100 20.12 9.64 -15.06
N GLU C 101 20.50 10.90 -15.29
CA GLU C 101 21.85 11.31 -14.96
C GLU C 101 22.11 11.26 -13.45
N LYS C 102 21.10 11.56 -12.62
CA LYS C 102 21.30 11.34 -11.18
C LYS C 102 21.56 9.87 -10.89
N LEU C 103 20.87 8.97 -11.59
CA LEU C 103 21.17 7.58 -11.31
C LEU C 103 22.55 7.22 -11.84
N LYS C 104 22.94 7.77 -13.00
CA LYS C 104 24.25 7.44 -13.54
C LYS C 104 25.39 7.87 -12.61
N GLN C 105 25.30 9.06 -11.98
CA GLN C 105 26.35 9.45 -11.04
C GLN C 105 26.35 8.56 -9.81
N LEU C 107 25.50 5.32 -9.70
CA LEU C 107 26.15 4.10 -10.13
C LEU C 107 27.62 4.24 -10.34
N GLN C 108 28.12 5.46 -10.42
CA GLN C 108 29.54 5.62 -10.63
C GLN C 108 30.27 5.69 -9.32
N GLU C 109 29.54 5.77 -8.19
CA GLU C 109 30.18 5.91 -6.88
C GLU C 109 29.62 5.02 -5.73
N THR D 8 25.16 -15.56 -7.76
CA THR D 8 25.31 -14.12 -7.71
C THR D 8 25.23 -13.49 -9.09
N ALA D 9 25.87 -12.33 -9.17
CA ALA D 9 25.88 -11.53 -10.38
C ALA D 9 26.76 -12.15 -11.45
N LEU D 10 27.90 -12.72 -11.01
CA LEU D 10 28.85 -13.38 -11.88
C LEU D 10 28.23 -14.51 -12.67
N LEU D 11 27.39 -15.33 -12.06
CA LEU D 11 26.85 -16.38 -12.90
C LEU D 11 25.96 -15.82 -13.98
N ASP D 12 25.25 -14.71 -13.74
CA ASP D 12 24.46 -14.19 -14.84
C ASP D 12 25.37 -13.69 -15.97
N ALA D 14 28.50 -15.09 -16.61
CA ALA D 14 28.99 -16.33 -17.18
C ALA D 14 27.95 -16.93 -18.09
N ARG D 15 26.69 -16.82 -17.68
CA ARG D 15 25.55 -17.27 -18.47
C ARG D 15 25.41 -16.49 -19.79
N ASP D 16 25.63 -15.17 -19.78
CA ASP D 16 25.54 -14.43 -21.04
C ASP D 16 26.61 -14.82 -22.05
N ILE D 17 27.76 -15.29 -21.59
CA ILE D 17 28.83 -15.67 -22.51
C ILE D 17 28.59 -17.08 -23.09
N GLY D 18 28.36 -18.08 -22.24
CA GLY D 18 28.27 -19.44 -22.72
C GLY D 18 27.25 -20.41 -22.13
N GLY D 19 26.12 -19.89 -21.66
CA GLY D 19 25.04 -20.77 -21.23
C GLY D 19 25.28 -21.72 -20.08
N ASP D 20 24.59 -22.87 -20.13
CA ASP D 20 24.64 -23.80 -19.01
C ASP D 20 26.03 -24.33 -18.71
N GLU D 21 26.84 -24.59 -19.74
CA GLU D 21 28.20 -25.09 -19.52
C GLU D 21 29.08 -24.06 -18.82
N ALA D 22 29.01 -22.80 -19.28
CA ALA D 22 29.80 -21.74 -18.66
C ALA D 22 29.48 -21.62 -17.16
N VAL D 23 28.20 -21.68 -16.79
CA VAL D 23 27.92 -21.64 -15.37
C VAL D 23 28.60 -22.82 -14.67
N GLU D 24 28.65 -23.98 -15.36
CA GLU D 24 29.37 -25.12 -14.80
C GLU D 24 30.86 -24.87 -14.70
N VAL D 25 31.47 -24.24 -15.69
CA VAL D 25 32.91 -24.05 -15.62
C VAL D 25 33.28 -23.12 -14.46
N VAL D 26 32.56 -21.99 -14.32
CA VAL D 26 32.84 -21.06 -13.23
C VAL D 26 32.52 -21.69 -11.88
N LYS D 27 31.37 -22.35 -11.77
CA LYS D 27 31.03 -22.98 -10.51
C LYS D 27 32.12 -23.97 -10.13
N ALA D 28 32.62 -24.73 -11.09
CA ALA D 28 33.66 -25.69 -10.76
C ALA D 28 34.99 -25.01 -10.49
N LEU D 29 35.31 -23.98 -11.27
CA LEU D 29 36.55 -23.24 -11.08
C LEU D 29 36.53 -22.51 -9.75
N GLU D 30 35.39 -21.93 -9.42
CA GLU D 30 35.27 -21.24 -8.14
C GLU D 30 35.40 -22.22 -6.99
N LYS D 31 34.77 -23.41 -7.11
CA LYS D 31 34.83 -24.36 -6.00
C LYS D 31 36.25 -24.90 -5.80
N LYS D 32 37.01 -25.05 -6.87
CA LYS D 32 38.34 -25.63 -6.80
C LYS D 32 39.43 -24.57 -6.56
N GLY D 33 39.16 -23.29 -6.81
CA GLY D 33 40.17 -22.25 -6.74
C GLY D 33 40.99 -22.05 -8.00
N GLU D 34 41.90 -22.97 -8.29
CA GLU D 34 42.62 -22.96 -9.55
C GLU D 34 42.48 -24.29 -10.23
N ALA D 35 42.44 -24.24 -11.56
CA ALA D 35 42.33 -25.45 -12.33
C ALA D 35 42.89 -25.24 -13.73
N THR D 36 43.33 -26.34 -14.32
CA THR D 36 43.71 -26.44 -15.71
C THR D 36 42.45 -26.67 -16.54
N ASP D 37 42.57 -26.52 -17.88
CA ASP D 37 41.45 -26.83 -18.76
C ASP D 37 40.95 -28.25 -18.56
N GLU D 38 41.88 -29.16 -18.47
CA GLU D 38 41.55 -30.56 -18.37
C GLU D 38 40.85 -30.88 -17.04
N GLU D 39 41.34 -30.31 -15.92
CA GLU D 39 40.68 -30.55 -14.63
C GLU D 39 39.25 -30.06 -14.68
N LEU D 40 39.03 -28.94 -15.33
CA LEU D 40 37.68 -28.43 -15.38
C LEU D 40 36.83 -29.31 -16.28
N ALA D 41 37.42 -29.73 -17.40
CA ALA D 41 36.74 -30.62 -18.33
C ALA D 41 36.38 -31.97 -17.69
N GLU D 42 37.26 -32.48 -16.84
CA GLU D 42 36.94 -33.73 -16.16
C GLU D 42 35.89 -33.50 -15.07
N LEU D 43 36.04 -32.41 -14.31
CA LEU D 43 35.09 -32.10 -13.25
C LEU D 43 33.68 -31.95 -13.78
N THR D 44 33.54 -31.35 -14.94
CA THR D 44 32.23 -30.96 -15.40
C THR D 44 31.66 -31.95 -16.39
N GLY D 45 32.48 -32.78 -17.01
CA GLY D 45 31.93 -33.60 -18.05
C GLY D 45 31.77 -32.82 -19.33
N VAL D 46 32.39 -31.64 -19.42
CA VAL D 46 32.33 -30.77 -20.57
C VAL D 46 33.56 -31.03 -21.43
N ARG D 47 33.37 -30.94 -22.74
CA ARG D 47 34.48 -31.17 -23.65
C ARG D 47 35.60 -30.14 -23.46
N VAL D 48 36.84 -30.60 -23.58
CA VAL D 48 38.02 -29.76 -23.33
C VAL D 48 38.09 -28.62 -24.34
N ASN D 49 37.63 -28.87 -25.56
CA ASN D 49 37.55 -27.85 -26.60
C ASN D 49 36.63 -26.70 -26.19
N THR D 50 35.47 -27.02 -25.61
CA THR D 50 34.54 -26.00 -25.18
C THR D 50 35.05 -25.24 -23.95
N VAL D 51 35.58 -25.95 -22.97
CA VAL D 51 36.16 -25.31 -21.80
C VAL D 51 37.18 -24.27 -22.22
N ARG D 52 38.01 -24.58 -23.21
CA ARG D 52 39.04 -23.61 -23.60
C ARG D 52 38.39 -22.36 -24.18
N LYS D 53 37.36 -22.53 -24.99
CA LYS D 53 36.71 -21.39 -25.60
C LYS D 53 36.08 -20.49 -24.54
N LEU D 55 36.77 -20.35 -21.12
CA LEU D 55 37.81 -19.72 -20.32
C LEU D 55 38.36 -18.50 -21.03
N TYR D 56 38.63 -18.61 -22.34
CA TYR D 56 39.12 -17.44 -23.06
C TYR D 56 38.09 -16.31 -23.12
N ALA D 57 36.79 -16.62 -23.18
CA ALA D 57 35.76 -15.58 -23.15
C ALA D 57 35.71 -14.86 -21.80
N LEU D 58 35.76 -15.63 -20.70
CA LEU D 58 35.81 -15.03 -19.38
C LEU D 58 37.04 -14.16 -19.21
N TYR D 59 38.18 -14.58 -19.77
CA TYR D 59 39.39 -13.78 -19.71
C TYR D 59 39.28 -12.49 -20.51
N ASP D 60 38.67 -12.53 -21.70
CA ASP D 60 38.45 -11.37 -22.55
C ASP D 60 37.38 -10.41 -21.99
N ALA D 61 36.47 -10.90 -21.18
CA ALA D 61 35.54 -10.04 -20.48
C ALA D 61 36.15 -9.50 -19.19
N LYS D 62 37.43 -9.76 -18.97
CA LYS D 62 38.16 -9.38 -17.75
C LYS D 62 37.54 -9.93 -16.48
N LEU D 63 37.03 -11.18 -16.53
CA LEU D 63 36.51 -11.90 -15.36
C LEU D 63 37.34 -13.11 -14.92
N ALA D 64 38.40 -13.49 -15.61
CA ALA D 64 39.19 -14.64 -15.21
C ALA D 64 40.65 -14.35 -15.52
N THR D 65 41.55 -14.81 -14.65
CA THR D 65 42.97 -14.76 -14.92
C THR D 65 43.61 -16.14 -14.87
N ARG D 67 47.80 -18.38 -14.52
CA ARG D 67 49.19 -18.36 -14.08
C ARG D 67 49.89 -19.59 -14.63
N ARG D 68 51.18 -19.46 -14.96
CA ARG D 68 51.87 -20.43 -15.78
C ARG D 68 52.82 -21.28 -14.94
N VAL D 69 52.70 -22.60 -15.00
CA VAL D 69 53.69 -23.44 -14.35
C VAL D 69 54.34 -24.32 -15.39
N ARG D 70 55.64 -24.57 -15.22
CA ARG D 70 56.39 -25.37 -16.16
C ARG D 70 56.67 -26.67 -15.42
N ASP D 71 56.23 -27.79 -15.92
CA ASP D 71 56.62 -28.98 -15.18
C ASP D 71 58.07 -29.20 -15.57
N ASP D 72 58.96 -29.09 -14.59
CA ASP D 72 60.37 -29.08 -14.94
C ASP D 72 60.93 -30.47 -15.23
N GLU D 73 60.26 -31.54 -14.79
CA GLU D 73 60.69 -32.90 -15.16
C GLU D 73 60.53 -33.15 -16.65
N THR D 74 59.37 -32.84 -17.22
CA THR D 74 59.13 -33.25 -18.59
C THR D 74 59.35 -32.11 -19.60
N GLY D 75 59.32 -30.86 -19.16
CA GLY D 75 59.43 -29.72 -20.06
C GLY D 75 58.24 -29.19 -20.83
N TRP D 76 57.05 -29.12 -20.21
CA TRP D 76 55.89 -28.57 -20.89
C TRP D 76 55.22 -27.56 -19.94
N TYR D 77 54.40 -26.67 -20.49
CA TYR D 77 53.64 -25.72 -19.68
C TYR D 77 52.21 -26.19 -19.42
N TYR D 78 51.65 -25.69 -18.30
CA TYR D 78 50.23 -25.79 -18.00
C TYR D 78 49.68 -24.50 -17.41
N TYR D 79 48.44 -24.16 -17.75
CA TYR D 79 47.89 -22.91 -17.25
C TYR D 79 46.96 -23.28 -16.12
N TYR D 80 47.05 -22.54 -15.03
CA TYR D 80 46.08 -22.57 -13.95
C TYR D 80 45.10 -21.40 -13.98
N TRP D 81 43.83 -21.67 -14.29
CA TRP D 81 42.90 -20.56 -14.28
C TRP D 81 42.35 -20.29 -12.87
N ARG D 82 41.92 -19.05 -12.67
CA ARG D 82 41.23 -18.61 -11.47
C ARG D 82 40.29 -17.46 -11.81
N ILE D 83 39.22 -17.33 -11.00
CA ILE D 83 38.37 -16.17 -11.16
C ILE D 83 39.12 -14.97 -10.61
N ASP D 84 39.03 -13.86 -11.32
CA ASP D 84 39.69 -12.61 -10.94
C ASP D 84 38.78 -11.87 -9.99
N THR D 85 38.94 -12.05 -8.68
CA THR D 85 37.96 -11.29 -7.93
C THR D 85 38.46 -9.90 -7.59
N LYS D 86 39.68 -9.52 -8.02
CA LYS D 86 40.17 -8.18 -7.70
C LYS D 86 39.47 -7.12 -8.55
N ARG D 87 39.28 -7.43 -9.84
CA ARG D 87 38.60 -6.55 -10.77
C ARG D 87 37.14 -6.88 -10.96
N LEU D 88 36.62 -7.86 -10.20
CA LEU D 88 35.24 -8.27 -10.40
C LEU D 88 34.27 -7.11 -10.11
N PRO D 89 34.37 -6.41 -8.97
CA PRO D 89 33.45 -5.30 -8.71
C PRO D 89 33.53 -4.16 -9.74
N GLU D 90 34.70 -3.87 -10.30
CA GLU D 90 34.78 -2.88 -11.37
C GLU D 90 34.05 -3.36 -12.62
N VAL D 91 34.15 -4.65 -12.95
CA VAL D 91 33.47 -5.17 -14.13
C VAL D 91 31.97 -5.09 -13.90
N ILE D 92 31.53 -5.41 -12.68
CA ILE D 92 30.11 -5.35 -12.35
C ILE D 92 29.63 -3.91 -12.53
N ARG D 93 30.43 -2.96 -12.03
CA ARG D 93 30.05 -1.56 -12.10
C ARG D 93 30.02 -1.08 -13.54
N THR D 94 30.97 -1.55 -14.34
CA THR D 94 30.98 -1.20 -15.76
C THR D 94 29.77 -1.78 -16.47
N ARG D 95 29.41 -3.02 -16.13
CA ARG D 95 28.26 -3.62 -16.77
C ARG D 95 26.99 -2.84 -16.47
N LYS D 96 26.86 -2.36 -15.23
CA LYS D 96 25.67 -1.61 -14.83
C LYS D 96 25.58 -0.30 -15.59
N LEU D 97 26.71 0.38 -15.78
CA LEU D 97 26.71 1.68 -16.43
C LEU D 97 26.38 1.59 -17.91
N GLN D 98 26.87 0.54 -18.57
CA GLN D 98 26.57 0.34 -19.98
C GLN D 98 25.09 0.07 -20.19
N GLU D 99 24.46 -0.67 -19.28
CA GLU D 99 23.05 -0.90 -19.42
C GLU D 99 22.28 0.41 -19.28
N LEU D 100 22.74 1.28 -18.40
CA LEU D 100 22.09 2.58 -18.27
C LEU D 100 22.31 3.42 -19.51
N GLU D 101 23.51 3.36 -20.08
CA GLU D 101 23.79 4.16 -21.26
C GLU D 101 22.93 3.70 -22.43
N LYS D 102 22.63 2.39 -22.51
CA LYS D 102 21.68 1.89 -23.52
C LYS D 102 20.29 2.49 -23.31
N LEU D 103 19.89 2.66 -22.04
CA LEU D 103 18.60 3.30 -21.79
C LEU D 103 18.64 4.78 -22.14
N LYS D 104 19.78 5.43 -21.86
CA LYS D 104 19.92 6.85 -22.15
C LYS D 104 19.75 7.12 -23.63
N GLN D 105 20.26 6.22 -24.45
CA GLN D 105 20.12 6.36 -25.89
C GLN D 105 18.67 6.28 -26.27
N LEU D 107 16.15 7.00 -24.57
CA LEU D 107 15.50 8.25 -24.21
C LEU D 107 15.91 9.38 -25.12
N GLN D 108 17.00 9.21 -25.87
CA GLN D 108 17.32 10.35 -26.71
C GLN D 108 16.72 10.26 -28.10
N GLU D 109 16.16 9.10 -28.51
CA GLU D 109 15.56 8.96 -29.85
C GLU D 109 14.47 10.02 -30.08
N ASN E 7 -19.89 -7.74 34.34
CA ASN E 7 -19.74 -6.45 35.01
C ASN E 7 -18.63 -5.56 34.40
N THR E 8 -18.05 -4.64 35.18
CA THR E 8 -17.22 -3.53 34.70
C THR E 8 -18.10 -2.49 34.01
N ALA E 9 -19.12 -2.97 33.29
CA ALA E 9 -19.96 -2.05 32.54
C ALA E 9 -20.80 -1.24 33.49
N LEU E 10 -21.33 -1.87 34.54
CA LEU E 10 -22.10 -1.09 35.51
C LEU E 10 -21.25 0.00 36.17
N LEU E 11 -20.02 -0.34 36.60
CA LEU E 11 -19.18 0.66 37.22
C LEU E 11 -18.69 1.71 36.25
N ASP E 12 -18.46 1.34 34.99
CA ASP E 12 -18.06 2.33 34.00
C ASP E 12 -19.19 3.31 33.72
N ALA E 14 -21.49 4.00 35.63
CA ALA E 14 -21.63 4.78 36.85
C ALA E 14 -20.58 5.87 36.94
N ARG E 15 -19.36 5.59 36.50
CA ARG E 15 -18.34 6.63 36.47
C ARG E 15 -18.72 7.77 35.53
N ASP E 16 -19.27 7.46 34.36
CA ASP E 16 -19.72 8.54 33.47
C ASP E 16 -20.86 9.35 34.09
N ILE E 17 -21.63 8.73 34.98
CA ILE E 17 -22.77 9.42 35.59
C ILE E 17 -22.30 10.34 36.72
N GLY E 18 -21.56 9.79 37.68
CA GLY E 18 -21.16 10.55 38.86
C GLY E 18 -19.80 10.32 39.51
N GLY E 19 -18.81 9.88 38.76
CA GLY E 19 -17.45 9.76 39.23
C GLY E 19 -17.24 8.77 40.37
N ASP E 20 -16.25 9.06 41.23
CA ASP E 20 -15.87 8.13 42.30
C ASP E 20 -16.98 7.81 43.30
N GLU E 21 -17.79 8.80 43.66
CA GLU E 21 -18.85 8.55 44.65
C GLU E 21 -19.92 7.60 44.13
N ALA E 22 -20.38 7.79 42.90
CA ALA E 22 -21.38 6.90 42.32
C ALA E 22 -20.87 5.46 42.26
N VAL E 23 -19.62 5.29 41.85
CA VAL E 23 -19.02 3.96 41.83
C VAL E 23 -18.98 3.37 43.23
N GLU E 24 -18.73 4.22 44.21
CA GLU E 24 -18.73 3.75 45.60
C GLU E 24 -20.12 3.30 46.06
N VAL E 25 -21.17 4.03 45.66
CA VAL E 25 -22.51 3.69 46.11
C VAL E 25 -22.93 2.35 45.52
N VAL E 26 -22.65 2.12 44.23
CA VAL E 26 -23.00 0.87 43.55
C VAL E 26 -22.25 -0.31 44.15
N LYS E 27 -20.95 -0.14 44.41
CA LYS E 27 -20.19 -1.24 45.02
C LYS E 27 -20.85 -1.62 46.32
N ALA E 28 -21.30 -0.61 47.08
CA ALA E 28 -21.96 -0.87 48.36
C ALA E 28 -23.35 -1.46 48.12
N LEU E 29 -24.06 -0.97 47.10
CA LEU E 29 -25.38 -1.54 46.82
C LEU E 29 -25.21 -2.98 46.40
N GLU E 30 -24.19 -3.26 45.59
CA GLU E 30 -23.95 -4.64 45.21
C GLU E 30 -23.57 -5.45 46.43
N LYS E 31 -22.75 -4.87 47.31
CA LYS E 31 -22.31 -5.62 48.50
C LYS E 31 -23.48 -5.91 49.45
N LYS E 32 -24.43 -4.97 49.60
CA LYS E 32 -25.55 -5.12 50.52
C LYS E 32 -26.83 -5.71 49.94
N GLY E 33 -27.02 -5.73 48.63
CA GLY E 33 -28.32 -6.17 48.12
C GLY E 33 -29.42 -5.10 48.02
N GLU E 34 -29.95 -4.65 49.15
CA GLU E 34 -30.90 -3.53 49.25
C GLU E 34 -30.39 -2.49 50.25
N ALA E 35 -30.65 -1.20 50.02
CA ALA E 35 -30.25 -0.16 50.99
C ALA E 35 -31.10 1.11 50.89
N THR E 36 -31.23 1.87 52.00
CA THR E 36 -31.82 3.23 52.05
C THR E 36 -30.78 4.27 51.68
N ASP E 37 -31.26 5.50 51.43
CA ASP E 37 -30.32 6.59 51.22
C ASP E 37 -29.42 6.70 52.43
N GLU E 38 -30.02 6.61 53.61
CA GLU E 38 -29.32 6.77 54.87
C GLU E 38 -28.34 5.62 55.14
N GLU E 39 -28.74 4.38 54.85
CA GLU E 39 -27.81 3.26 55.02
C GLU E 39 -26.59 3.40 54.12
N LEU E 40 -26.80 3.86 52.89
CA LEU E 40 -25.70 3.98 51.96
C LEU E 40 -24.77 5.11 52.39
N ALA E 41 -25.37 6.20 52.89
CA ALA E 41 -24.59 7.33 53.38
C ALA E 41 -23.68 6.95 54.54
N GLU E 42 -24.12 6.04 55.40
CA GLU E 42 -23.24 5.63 56.50
C GLU E 42 -22.11 4.77 55.99
N LEU E 43 -22.42 3.83 55.08
CA LEU E 43 -21.40 2.99 54.49
C LEU E 43 -20.35 3.81 53.75
N THR E 44 -20.76 4.86 53.04
CA THR E 44 -19.83 5.49 52.12
C THR E 44 -19.17 6.76 52.64
N GLY E 45 -19.75 7.42 53.65
CA GLY E 45 -19.22 8.70 54.10
C GLY E 45 -19.57 9.87 53.21
N VAL E 46 -20.51 9.68 52.28
CA VAL E 46 -20.97 10.71 51.35
C VAL E 46 -22.20 11.34 51.97
N ARG E 47 -22.37 12.63 51.77
CA ARG E 47 -23.53 13.30 52.36
C ARG E 47 -24.81 12.68 51.80
N VAL E 48 -25.83 12.53 52.66
CA VAL E 48 -27.03 11.79 52.24
C VAL E 48 -27.76 12.51 51.10
N ASN E 49 -27.71 13.85 51.07
CA ASN E 49 -28.25 14.58 49.92
C ASN E 49 -27.53 14.24 48.62
N THR E 50 -26.20 14.08 48.68
CA THR E 50 -25.44 13.70 47.49
C THR E 50 -25.74 12.27 47.06
N VAL E 51 -25.79 11.36 48.03
CA VAL E 51 -26.20 9.99 47.75
C VAL E 51 -27.55 9.94 47.05
N ARG E 52 -28.51 10.75 47.48
CA ARG E 52 -29.83 10.64 46.87
C ARG E 52 -29.82 11.03 45.40
N LYS E 53 -29.16 12.14 45.03
CA LYS E 53 -29.17 12.53 43.61
C LYS E 53 -28.48 11.49 42.76
N LEU E 55 -28.65 8.27 43.33
CA LEU E 55 -29.60 7.18 43.13
C LEU E 55 -30.66 7.55 42.10
N TYR E 56 -31.23 8.76 42.21
CA TYR E 56 -32.18 9.16 41.19
C TYR E 56 -31.51 9.31 39.82
N ALA E 57 -30.22 9.72 39.80
CA ALA E 57 -29.47 9.82 38.54
C ALA E 57 -29.25 8.44 37.96
N LEU E 58 -28.87 7.49 38.81
CA LEU E 58 -28.76 6.09 38.40
C LEU E 58 -30.12 5.55 37.95
N TYR E 59 -31.20 5.96 38.63
CA TYR E 59 -32.54 5.56 38.27
C TYR E 59 -32.95 6.10 36.88
N ASP E 60 -32.56 7.33 36.54
CA ASP E 60 -32.87 7.83 35.21
C ASP E 60 -32.07 7.13 34.13
N ALA E 61 -30.92 6.55 34.45
CA ALA E 61 -30.15 5.74 33.49
C ALA E 61 -30.66 4.33 33.43
N LYS E 62 -31.76 4.06 34.12
CA LYS E 62 -32.35 2.73 34.19
C LYS E 62 -31.33 1.72 34.71
N LEU E 63 -30.53 2.14 35.69
CA LEU E 63 -29.60 1.23 36.31
C LEU E 63 -29.95 0.88 37.75
N ALA E 64 -30.97 1.50 38.33
CA ALA E 64 -31.39 1.23 39.70
C ALA E 64 -32.91 1.37 39.78
N THR E 65 -33.56 0.50 40.57
CA THR E 65 -34.97 0.65 40.90
C THR E 65 -35.13 0.68 42.43
N ARG E 67 -38.16 -0.12 46.07
CA ARG E 67 -39.46 -0.34 46.67
C ARG E 67 -39.67 0.54 47.89
N ARG E 68 -40.91 0.97 48.08
CA ARG E 68 -41.21 2.05 49.00
C ARG E 68 -41.90 1.48 50.22
N VAL E 69 -41.37 1.78 51.39
CA VAL E 69 -42.00 1.41 52.66
C VAL E 69 -42.29 2.70 53.41
N ARG E 70 -43.36 2.74 54.21
CA ARG E 70 -43.78 3.94 54.94
C ARG E 70 -43.42 3.81 56.41
N ASP E 71 -42.62 4.74 56.91
CA ASP E 71 -42.25 4.78 58.32
C ASP E 71 -43.40 5.38 59.12
N ASP E 72 -43.99 4.59 60.03
CA ASP E 72 -45.23 4.98 60.71
C ASP E 72 -44.99 6.01 61.82
N GLU E 73 -43.75 6.19 62.27
CA GLU E 73 -43.44 7.25 63.24
C GLU E 73 -43.68 8.64 62.65
N THR E 74 -43.17 8.90 61.45
CA THR E 74 -43.19 10.24 60.86
C THR E 74 -44.33 10.39 59.85
N GLY E 75 -44.89 9.28 59.35
CA GLY E 75 -45.91 9.21 58.30
C GLY E 75 -45.42 9.29 56.88
N TRP E 76 -44.14 9.58 56.68
CA TRP E 76 -43.46 9.67 55.40
C TRP E 76 -42.95 8.32 54.89
N TYR E 77 -42.69 8.27 53.60
CA TYR E 77 -42.16 7.12 52.93
C TYR E 77 -40.63 7.22 52.82
N TYR E 78 -39.98 6.06 52.71
CA TYR E 78 -38.59 5.96 52.33
C TYR E 78 -38.38 4.78 51.38
N TYR E 79 -37.43 4.92 50.49
CA TYR E 79 -37.16 3.98 49.41
C TYR E 79 -36.00 3.06 49.80
N TYR E 80 -36.15 1.78 49.47
CA TYR E 80 -35.08 0.79 49.46
C TYR E 80 -34.60 0.66 48.03
N TRP E 81 -33.39 1.16 47.76
CA TRP E 81 -32.88 1.10 46.40
C TRP E 81 -32.26 -0.28 46.19
N ARG E 82 -32.21 -0.68 44.93
CA ARG E 82 -31.59 -1.90 44.45
C ARG E 82 -31.11 -1.67 43.04
N ILE E 83 -30.11 -2.45 42.63
CA ILE E 83 -29.74 -2.33 41.22
C ILE E 83 -30.88 -2.94 40.42
N ASP E 84 -31.27 -2.25 39.34
CA ASP E 84 -32.38 -2.73 38.52
C ASP E 84 -31.80 -3.64 37.47
N THR E 85 -31.76 -4.92 37.77
CA THR E 85 -31.16 -5.73 36.75
C THR E 85 -32.17 -6.20 35.75
N LYS E 86 -33.43 -5.75 35.85
CA LYS E 86 -34.38 -6.23 34.86
C LYS E 86 -34.11 -5.60 33.50
N ARG E 87 -33.85 -4.27 33.48
CA ARG E 87 -33.53 -3.53 32.26
C ARG E 87 -32.04 -3.29 32.09
N LEU E 88 -31.22 -3.85 32.98
CA LEU E 88 -29.80 -3.61 32.89
C LEU E 88 -29.29 -4.12 31.54
N PRO E 89 -29.64 -5.35 31.12
CA PRO E 89 -29.11 -5.85 29.84
C PRO E 89 -29.44 -5.03 28.61
N GLU E 90 -30.63 -4.41 28.48
CA GLU E 90 -30.82 -3.54 27.30
C GLU E 90 -29.89 -2.34 27.35
N VAL E 91 -29.67 -1.80 28.54
CA VAL E 91 -28.79 -0.64 28.63
C VAL E 91 -27.39 -1.07 28.24
N ILE E 92 -27.00 -2.28 28.64
CA ILE E 92 -25.70 -2.83 28.24
C ILE E 92 -25.69 -2.94 26.72
N ARG E 93 -26.80 -3.45 26.16
CA ARG E 93 -26.95 -3.70 24.73
C ARG E 93 -26.96 -2.38 23.98
N THR E 94 -27.58 -1.35 24.55
CA THR E 94 -27.55 -0.04 23.93
C THR E 94 -26.13 0.52 23.93
N ARG E 95 -25.38 0.30 25.02
CA ARG E 95 -24.00 0.79 25.09
C ARG E 95 -23.13 0.19 24.00
N LYS E 96 -23.29 -1.11 23.70
CA LYS E 96 -22.52 -1.78 22.65
C LYS E 96 -22.83 -1.24 21.26
N LEU E 97 -24.10 -0.95 21.00
CA LEU E 97 -24.50 -0.48 19.68
C LEU E 97 -23.98 0.93 19.45
N GLN E 98 -24.00 1.75 20.51
CA GLN E 98 -23.49 3.11 20.40
C GLN E 98 -22.00 3.12 20.13
N GLU E 99 -21.26 2.22 20.76
CA GLU E 99 -19.84 2.19 20.46
C GLU E 99 -19.58 1.78 19.02
N LEU E 100 -20.38 0.84 18.52
CA LEU E 100 -20.24 0.41 17.14
C LEU E 100 -20.63 1.49 16.15
N GLU E 101 -21.70 2.22 16.45
CA GLU E 101 -22.14 3.25 15.53
C GLU E 101 -21.09 4.34 15.43
N LYS E 102 -20.42 4.57 16.54
CA LYS E 102 -19.28 5.47 16.56
C LYS E 102 -18.18 4.94 15.65
N LEU E 103 -18.01 3.62 15.62
CA LEU E 103 -17.03 3.02 14.72
C LEU E 103 -17.46 3.10 13.26
N LYS E 104 -18.77 2.98 13.01
CA LYS E 104 -19.27 3.04 11.64
C LYS E 104 -18.94 4.36 10.98
N GLN E 105 -18.99 5.46 11.76
CA GLN E 105 -18.61 6.77 11.23
C GLN E 105 -17.15 6.82 10.85
N LEU E 107 -15.28 4.35 9.65
CA LEU E 107 -14.95 3.67 8.40
C LEU E 107 -15.39 4.48 7.22
N GLN E 108 -16.29 5.45 7.44
CA GLN E 108 -16.82 6.35 6.42
C GLN E 108 -16.05 7.67 6.27
N GLU E 109 -15.11 7.97 7.18
CA GLU E 109 -14.36 9.22 7.08
C GLU E 109 -13.67 9.37 5.77
N ASN F 7 -3.05 -3.74 -0.45
CA ASN F 7 -2.97 -4.57 -1.66
C ASN F 7 -3.08 -6.07 -1.28
N THR F 8 -2.49 -6.46 -0.14
CA THR F 8 -2.89 -7.67 0.58
C THR F 8 -4.41 -7.78 0.48
N ALA F 9 -5.10 -6.66 0.59
CA ALA F 9 -6.55 -6.72 0.59
C ALA F 9 -7.06 -7.08 -0.80
N LEU F 10 -6.43 -6.55 -1.85
CA LEU F 10 -6.85 -6.90 -3.21
C LEU F 10 -6.78 -8.40 -3.49
N LEU F 11 -5.68 -9.04 -3.10
CA LEU F 11 -5.54 -10.47 -3.36
C LEU F 11 -6.53 -11.28 -2.55
N ASP F 12 -6.90 -10.81 -1.38
CA ASP F 12 -7.90 -11.56 -0.63
C ASP F 12 -9.23 -11.57 -1.36
N ALA F 14 -9.74 -11.41 -4.46
CA ALA F 14 -9.59 -12.30 -5.61
C ALA F 14 -9.60 -13.76 -5.18
N ARG F 15 -8.99 -14.07 -4.04
CA ARG F 15 -9.03 -15.44 -3.57
C ARG F 15 -10.47 -15.85 -3.26
N ASP F 16 -11.24 -14.95 -2.63
CA ASP F 16 -12.64 -15.26 -2.35
C ASP F 16 -13.44 -15.41 -3.63
N ILE F 17 -13.01 -14.76 -4.69
CA ILE F 17 -13.70 -14.81 -5.98
C ILE F 17 -13.37 -16.10 -6.72
N GLY F 18 -12.08 -16.37 -6.91
CA GLY F 18 -11.68 -17.52 -7.71
C GLY F 18 -10.45 -18.30 -7.29
N GLY F 19 -10.13 -18.32 -6.01
CA GLY F 19 -9.05 -19.15 -5.49
C GLY F 19 -7.68 -18.82 -6.05
N ASP F 20 -6.80 -19.84 -6.14
CA ASP F 20 -5.42 -19.61 -6.56
C ASP F 20 -5.28 -19.01 -7.94
N GLU F 21 -6.12 -19.40 -8.88
CA GLU F 21 -5.99 -18.85 -10.21
C GLU F 21 -6.28 -17.34 -10.21
N ALA F 22 -7.33 -16.92 -9.51
CA ALA F 22 -7.58 -15.49 -9.48
C ALA F 22 -6.40 -14.72 -8.91
N VAL F 23 -5.80 -15.19 -7.83
CA VAL F 23 -4.61 -14.50 -7.32
C VAL F 23 -3.49 -14.51 -8.35
N GLU F 24 -3.35 -15.61 -9.07
CA GLU F 24 -2.34 -15.67 -10.12
C GLU F 24 -2.64 -14.71 -11.26
N VAL F 25 -3.91 -14.61 -11.65
CA VAL F 25 -4.23 -13.74 -12.78
C VAL F 25 -3.96 -12.29 -12.44
N VAL F 26 -4.37 -11.82 -11.24
CA VAL F 26 -4.15 -10.43 -10.85
C VAL F 26 -2.67 -10.12 -10.71
N LYS F 27 -1.91 -11.02 -10.08
CA LYS F 27 -0.48 -10.75 -9.94
C LYS F 27 0.18 -10.52 -11.29
N ALA F 28 -0.21 -11.27 -12.32
CA ALA F 28 0.40 -11.07 -13.63
C ALA F 28 -0.08 -9.76 -14.23
N LEU F 29 -1.34 -9.39 -14.00
CA LEU F 29 -1.89 -8.12 -14.51
C LEU F 29 -1.18 -6.95 -13.87
N GLU F 30 -0.88 -7.07 -12.58
CA GLU F 30 -0.16 -6.00 -11.93
C GLU F 30 1.23 -5.88 -12.56
N LYS F 31 1.88 -7.01 -12.80
CA LYS F 31 3.22 -6.99 -13.38
C LYS F 31 3.23 -6.50 -14.82
N LYS F 32 2.20 -6.85 -15.59
CA LYS F 32 2.15 -6.51 -17.01
C LYS F 32 1.49 -5.18 -17.32
N GLY F 33 0.69 -4.64 -16.40
CA GLY F 33 -0.06 -3.44 -16.66
C GLY F 33 -1.41 -3.63 -17.34
N GLU F 34 -1.33 -3.95 -18.63
CA GLU F 34 -2.47 -4.31 -19.46
C GLU F 34 -2.22 -5.64 -20.15
N ALA F 35 -3.29 -6.37 -20.38
CA ALA F 35 -3.12 -7.64 -21.06
C ALA F 35 -4.39 -8.04 -21.76
N THR F 36 -4.21 -8.84 -22.82
CA THR F 36 -5.29 -9.53 -23.50
C THR F 36 -5.57 -10.81 -22.73
N ASP F 37 -6.70 -11.46 -23.01
CA ASP F 37 -6.93 -12.77 -22.40
C ASP F 37 -5.81 -13.74 -22.77
N GLU F 38 -5.41 -13.69 -24.04
CA GLU F 38 -4.40 -14.60 -24.55
C GLU F 38 -3.02 -14.34 -23.94
N GLU F 39 -2.61 -13.06 -23.77
CA GLU F 39 -1.33 -12.78 -23.12
C GLU F 39 -1.31 -13.31 -21.68
N LEU F 40 -2.43 -13.17 -20.98
CA LEU F 40 -2.50 -13.60 -19.60
C LEU F 40 -2.48 -15.11 -19.51
N ALA F 41 -3.14 -15.77 -20.45
CA ALA F 41 -3.15 -17.22 -20.50
C ALA F 41 -1.75 -17.78 -20.70
N GLU F 42 -0.92 -17.09 -21.48
CA GLU F 42 0.46 -17.56 -21.68
C GLU F 42 1.32 -17.34 -20.44
N LEU F 43 1.20 -16.18 -19.81
CA LEU F 43 2.00 -15.90 -18.62
C LEU F 43 1.72 -16.89 -17.50
N THR F 44 0.47 -17.26 -17.28
CA THR F 44 0.10 -18.02 -16.09
C THR F 44 -0.08 -19.50 -16.32
N GLY F 45 -0.27 -19.92 -17.57
CA GLY F 45 -0.56 -21.30 -17.84
C GLY F 45 -1.98 -21.69 -17.55
N VAL F 46 -2.81 -20.76 -17.37
CA VAL F 46 -4.19 -21.08 -17.08
C VAL F 46 -4.89 -21.03 -18.43
N ARG F 47 -5.86 -21.90 -18.61
CA ARG F 47 -6.57 -21.98 -19.87
C ARG F 47 -7.27 -20.65 -20.16
N VAL F 48 -7.30 -20.25 -21.43
CA VAL F 48 -7.79 -18.92 -21.78
C VAL F 48 -9.26 -18.78 -21.41
N ASN F 49 -10.03 -19.87 -21.45
CA ASN F 49 -11.40 -19.82 -20.95
C ASN F 49 -11.47 -19.50 -19.46
N THR F 50 -10.56 -20.06 -18.67
CA THR F 50 -10.55 -19.78 -17.24
C THR F 50 -10.11 -18.34 -16.97
N VAL F 51 -9.09 -17.86 -17.68
CA VAL F 51 -8.74 -16.45 -17.53
C VAL F 51 -9.95 -15.56 -17.76
N ARG F 52 -10.75 -15.84 -18.80
CA ARG F 52 -11.89 -14.96 -19.06
C ARG F 52 -12.92 -15.05 -17.96
N LYS F 53 -13.21 -16.25 -17.47
CA LYS F 53 -14.22 -16.35 -16.44
C LYS F 53 -13.76 -15.61 -15.21
N LEU F 55 -11.65 -12.82 -15.16
CA LEU F 55 -11.68 -11.39 -15.41
C LEU F 55 -13.10 -10.86 -15.34
N TYR F 56 -14.05 -11.55 -15.96
CA TYR F 56 -15.43 -11.11 -15.83
C TYR F 56 -15.93 -11.17 -14.40
N ALA F 57 -15.47 -12.14 -13.61
CA ALA F 57 -15.87 -12.17 -12.21
C ALA F 57 -15.30 -10.97 -11.45
N LEU F 58 -14.03 -10.65 -11.70
CA LEU F 58 -13.38 -9.48 -11.14
C LEU F 58 -14.06 -8.21 -11.61
N TYR F 59 -14.50 -8.17 -12.86
CA TYR F 59 -15.20 -7.00 -13.36
C TYR F 59 -16.52 -6.78 -12.62
N ASP F 60 -17.26 -7.87 -12.33
CA ASP F 60 -18.50 -7.78 -11.56
C ASP F 60 -18.20 -7.43 -10.13
N ALA F 61 -17.02 -7.73 -9.66
CA ALA F 61 -16.60 -7.30 -8.34
C ALA F 61 -16.06 -5.88 -8.34
N LYS F 62 -16.13 -5.19 -9.48
CA LYS F 62 -15.60 -3.83 -9.64
C LYS F 62 -14.12 -3.79 -9.28
N LEU F 63 -13.37 -4.83 -9.62
CA LEU F 63 -11.94 -4.77 -9.38
C LEU F 63 -11.10 -4.72 -10.66
N ALA F 64 -11.72 -4.84 -11.83
CA ALA F 64 -10.94 -4.76 -13.05
C ALA F 64 -11.83 -4.12 -14.10
N THR F 65 -11.25 -3.28 -14.92
CA THR F 65 -11.95 -2.79 -16.11
C THR F 65 -11.07 -3.11 -17.32
N ARG F 67 -11.09 -2.19 -22.05
CA ARG F 67 -11.11 -1.28 -23.17
C ARG F 67 -11.13 -2.08 -24.45
N ARG F 68 -11.79 -1.55 -25.47
CA ARG F 68 -12.15 -2.35 -26.63
C ARG F 68 -11.17 -1.90 -27.68
N VAL F 69 -10.49 -2.85 -28.22
CA VAL F 69 -9.57 -2.69 -29.32
C VAL F 69 -10.12 -3.54 -30.47
N ARG F 70 -9.83 -3.09 -31.67
CA ARG F 70 -10.31 -3.71 -32.89
C ARG F 70 -9.16 -4.48 -33.50
N ASP F 71 -9.37 -5.79 -33.70
CA ASP F 71 -8.38 -6.65 -34.35
C ASP F 71 -8.52 -6.31 -35.82
N ASP F 72 -7.45 -5.79 -36.42
CA ASP F 72 -7.62 -5.22 -37.74
C ASP F 72 -7.74 -6.29 -38.81
N GLU F 73 -7.30 -7.53 -38.54
CA GLU F 73 -7.55 -8.65 -39.45
C GLU F 73 -9.05 -9.01 -39.53
N THR F 74 -9.71 -9.18 -38.37
CA THR F 74 -11.05 -9.74 -38.33
C THR F 74 -12.21 -8.77 -38.18
N GLY F 75 -11.98 -7.55 -37.71
CA GLY F 75 -13.05 -6.59 -37.41
C GLY F 75 -13.80 -6.73 -36.08
N TRP F 76 -13.56 -7.80 -35.32
CA TRP F 76 -14.12 -8.07 -33.98
C TRP F 76 -13.28 -7.39 -32.94
N TYR F 77 -13.88 -7.21 -31.75
CA TYR F 77 -13.16 -6.61 -30.64
C TYR F 77 -12.56 -7.65 -29.70
N TYR F 78 -11.50 -7.23 -29.01
CA TYR F 78 -10.85 -7.89 -27.89
C TYR F 78 -10.49 -6.87 -26.83
N TYR F 79 -10.53 -7.28 -25.57
CA TYR F 79 -10.33 -6.38 -24.43
C TYR F 79 -8.89 -6.45 -23.93
N TYR F 80 -8.36 -5.29 -23.59
CA TYR F 80 -7.13 -5.16 -22.80
C TYR F 80 -7.60 -4.94 -21.36
N TRP F 81 -7.40 -5.94 -20.50
CA TRP F 81 -7.83 -5.82 -19.11
C TRP F 81 -6.74 -5.13 -18.28
N ARG F 82 -7.16 -4.51 -17.16
CA ARG F 82 -6.28 -3.91 -16.16
C ARG F 82 -6.96 -3.92 -14.81
N ILE F 83 -6.16 -3.90 -13.73
CA ILE F 83 -6.74 -3.74 -12.40
C ILE F 83 -7.20 -2.30 -12.28
N ASP F 84 -8.39 -2.12 -11.69
CA ASP F 84 -9.00 -0.80 -11.54
C ASP F 84 -8.13 0.25 -10.86
N THR F 85 -7.70 -0.03 -9.66
CA THR F 85 -6.89 0.86 -8.80
C THR F 85 -7.56 2.21 -8.62
N LYS F 86 -8.78 2.37 -9.08
CA LYS F 86 -9.44 3.65 -8.93
C LYS F 86 -10.76 3.49 -8.22
N ARG F 87 -11.53 2.43 -8.51
CA ARG F 87 -12.74 2.25 -7.75
C ARG F 87 -12.41 1.30 -6.62
N LEU F 88 -11.13 0.94 -6.53
CA LEU F 88 -10.65 0.00 -5.53
C LEU F 88 -10.86 0.50 -4.11
N PRO F 89 -10.46 1.73 -3.74
CA PRO F 89 -10.64 2.22 -2.37
C PRO F 89 -12.08 2.25 -1.92
N GLU F 90 -13.01 2.55 -2.83
CA GLU F 90 -14.42 2.46 -2.48
C GLU F 90 -14.79 1.04 -2.18
N VAL F 91 -14.22 0.11 -2.96
CA VAL F 91 -14.47 -1.30 -2.78
C VAL F 91 -13.90 -1.80 -1.44
N ILE F 92 -12.70 -1.33 -1.08
CA ILE F 92 -12.11 -1.72 0.20
C ILE F 92 -13.01 -1.25 1.34
N ARG F 93 -13.41 0.00 1.25
CA ARG F 93 -14.20 0.60 2.29
C ARG F 93 -15.58 -0.01 2.40
N THR F 94 -16.20 -0.35 1.27
CA THR F 94 -17.53 -0.97 1.31
C THR F 94 -17.52 -2.36 1.94
N ARG F 95 -16.51 -3.16 1.65
CA ARG F 95 -16.45 -4.48 2.26
C ARG F 95 -16.36 -4.33 3.78
N LYS F 96 -15.59 -3.35 4.25
CA LYS F 96 -15.44 -3.12 5.69
C LYS F 96 -16.77 -2.71 6.30
N LEU F 97 -17.54 -1.88 5.59
CA LEU F 97 -18.80 -1.40 6.15
C LEU F 97 -19.84 -2.52 6.18
N GLN F 98 -19.84 -3.38 5.15
CA GLN F 98 -20.77 -4.51 5.13
C GLN F 98 -20.50 -5.53 6.22
N GLU F 99 -19.23 -5.83 6.50
CA GLU F 99 -18.95 -6.80 7.56
C GLU F 99 -19.43 -6.28 8.89
N LEU F 100 -19.23 -4.98 9.10
CA LEU F 100 -19.68 -4.32 10.31
C LEU F 100 -21.20 -4.30 10.35
N GLU F 101 -21.83 -4.07 9.21
CA GLU F 101 -23.28 -4.02 9.23
C GLU F 101 -23.82 -5.40 9.59
N LYS F 102 -23.10 -6.45 9.18
CA LYS F 102 -23.41 -7.81 9.61
C LYS F 102 -23.26 -7.98 11.11
N LEU F 103 -22.25 -7.34 11.71
CA LEU F 103 -22.09 -7.40 13.17
C LEU F 103 -23.17 -6.58 13.87
N LYS F 104 -23.55 -5.47 13.27
CA LYS F 104 -24.56 -4.64 13.90
C LYS F 104 -25.87 -5.39 14.06
N GLN F 105 -26.25 -6.20 13.06
CA GLN F 105 -27.46 -7.01 13.17
C GLN F 105 -27.34 -8.06 14.25
N LEU F 107 -25.65 -7.67 17.12
CA LEU F 107 -25.87 -6.99 18.38
C LEU F 107 -27.30 -6.56 18.55
N GLN F 108 -28.08 -6.54 17.48
CA GLN F 108 -29.45 -6.12 17.66
C GLN F 108 -30.41 -7.26 17.97
N GLU F 109 -29.95 -8.52 17.86
CA GLU F 109 -30.78 -9.70 18.13
C GLU F 109 -31.40 -9.76 19.52
N ASP G 4 -9.87 15.75 -1.78
CA ASP G 4 -8.87 15.72 -0.73
C ASP G 4 -9.39 15.00 0.54
N LYS G 5 -10.64 14.48 0.49
CA LYS G 5 -11.44 14.03 1.64
C LYS G 5 -10.82 12.78 2.39
N LYS G 6 -9.57 12.44 2.03
CA LYS G 6 -8.68 11.73 2.96
C LYS G 6 -8.28 12.63 4.13
N ASN G 7 -8.51 13.95 3.99
CA ASN G 7 -8.21 14.94 5.02
C ASN G 7 -9.33 15.15 6.03
N THR G 8 -10.59 14.80 5.70
CA THR G 8 -11.70 14.76 6.67
C THR G 8 -11.24 14.11 7.97
N ALA G 9 -10.48 13.04 7.86
CA ALA G 9 -10.04 12.33 9.05
C ALA G 9 -8.98 13.12 9.79
N LEU G 10 -8.06 13.77 9.06
CA LEU G 10 -7.02 14.60 9.70
C LEU G 10 -7.62 15.73 10.52
N LEU G 11 -8.61 16.45 9.97
CA LEU G 11 -9.22 17.51 10.74
C LEU G 11 -10.00 16.95 11.90
N ASP G 12 -10.55 15.76 11.70
CA ASP G 12 -11.29 15.10 12.74
C ASP G 12 -10.39 14.76 13.92
N ALA G 14 -7.30 16.21 14.62
CA ALA G 14 -6.83 17.47 15.16
C ALA G 14 -7.86 18.05 16.13
N ARG G 15 -9.13 17.89 15.80
CA ARG G 15 -10.18 18.34 16.68
C ARG G 15 -10.14 17.64 18.02
N ASP G 16 -9.91 16.33 18.02
CA ASP G 16 -9.81 15.63 19.30
C ASP G 16 -8.58 16.12 20.08
N ILE G 17 -7.55 16.60 19.38
CA ILE G 17 -6.32 17.08 20.01
C ILE G 17 -6.46 18.50 20.56
N GLY G 18 -6.89 19.46 19.73
CA GLY G 18 -6.92 20.86 20.15
C GLY G 18 -8.04 21.81 19.74
N GLY G 19 -9.22 21.29 19.50
CA GLY G 19 -10.41 22.08 19.26
C GLY G 19 -10.39 22.99 18.05
N ASP G 20 -11.13 24.11 18.14
CA ASP G 20 -11.28 24.98 16.97
C ASP G 20 -9.97 25.54 16.44
N GLU G 21 -9.03 25.92 17.34
CA GLU G 21 -7.76 26.49 16.92
C GLU G 21 -6.89 25.48 16.16
N ALA G 22 -6.80 24.24 16.63
CA ALA G 22 -6.00 23.22 15.94
C ALA G 22 -6.47 23.01 14.51
N VAL G 23 -7.77 22.97 14.29
CA VAL G 23 -8.23 22.84 12.92
C VAL G 23 -7.75 24.00 12.06
N GLU G 24 -7.70 25.22 12.61
CA GLU G 24 -7.15 26.37 11.87
C GLU G 24 -5.67 26.20 11.58
N VAL G 25 -4.91 25.68 12.55
CA VAL G 25 -3.48 25.57 12.32
C VAL G 25 -3.22 24.57 11.19
N VAL G 26 -3.91 23.43 11.21
CA VAL G 26 -3.71 22.43 10.16
C VAL G 26 -4.19 22.98 8.83
N LYS G 27 -5.36 23.61 8.82
CA LYS G 27 -5.87 24.17 7.59
C LYS G 27 -4.87 25.18 7.02
N ALA G 28 -4.24 25.97 7.89
CA ALA G 28 -3.28 26.95 7.40
C ALA G 28 -2.01 26.25 6.95
N LEU G 29 -1.62 25.21 7.65
CA LEU G 29 -0.46 24.44 7.26
C LEU G 29 -0.70 23.76 5.93
N GLU G 30 -1.91 23.23 5.74
CA GLU G 30 -2.22 22.59 4.47
C GLU G 30 -2.22 23.61 3.33
N LYS G 31 -2.82 24.79 3.55
CA LYS G 31 -2.87 25.78 2.50
C LYS G 31 -1.49 26.33 2.17
N LYS G 32 -0.64 26.49 3.18
CA LYS G 32 0.65 27.10 2.94
C LYS G 32 1.76 26.08 2.63
N GLY G 33 1.59 24.81 2.96
CA GLY G 33 2.64 23.81 2.82
C GLY G 33 3.60 23.70 3.98
N GLU G 34 4.45 24.66 4.12
CA GLU G 34 5.31 24.74 5.29
C GLU G 34 5.13 26.11 5.92
N ALA G 35 5.27 26.14 7.23
CA ALA G 35 5.17 27.40 7.93
C ALA G 35 5.93 27.24 9.22
N THR G 36 6.44 28.35 9.73
CA THR G 36 6.95 28.21 11.07
C THR G 36 5.80 28.36 12.05
N ASP G 37 6.04 27.96 13.30
CA ASP G 37 5.04 28.20 14.36
C ASP G 37 4.74 29.68 14.38
N GLU G 38 5.80 30.44 14.18
CA GLU G 38 5.79 31.86 14.25
C GLU G 38 4.87 32.43 13.14
N GLU G 39 4.96 31.89 11.91
CA GLU G 39 4.05 32.25 10.80
C GLU G 39 2.61 31.85 11.02
N LEU G 40 2.39 30.65 11.61
CA LEU G 40 1.04 30.13 11.80
C LEU G 40 0.29 30.91 12.87
N ALA G 41 1.01 31.28 13.91
CA ALA G 41 0.38 32.09 14.92
C ALA G 41 -0.07 33.41 14.33
N GLU G 42 0.70 33.98 13.40
CA GLU G 42 0.27 35.24 12.81
C GLU G 42 -0.89 35.07 11.84
N LEU G 43 -0.85 34.05 10.97
CA LEU G 43 -1.92 33.79 9.98
C LEU G 43 -3.28 33.56 10.62
N THR G 44 -3.33 32.85 11.74
CA THR G 44 -4.57 32.35 12.32
C THR G 44 -5.11 33.21 13.47
N GLY G 45 -4.29 34.09 14.06
CA GLY G 45 -4.71 34.83 15.24
C GLY G 45 -4.62 34.08 16.53
N VAL G 46 -3.91 33.00 16.55
CA VAL G 46 -3.74 32.17 17.72
C VAL G 46 -2.45 32.55 18.43
N ARG G 47 -2.45 32.47 19.75
CA ARG G 47 -1.26 32.85 20.50
C ARG G 47 -0.08 31.94 20.12
N VAL G 48 1.12 32.51 20.04
CA VAL G 48 2.22 31.68 19.57
C VAL G 48 2.53 30.56 20.56
N ASN G 49 2.37 30.78 21.87
CA ASN G 49 2.51 29.67 22.82
C ASN G 49 1.50 28.59 22.56
N THR G 50 0.28 28.98 22.24
CA THR G 50 -0.71 27.98 21.94
C THR G 50 -0.43 27.25 20.64
N VAL G 51 -0.05 27.94 19.56
CA VAL G 51 0.34 27.25 18.34
C VAL G 51 1.46 26.24 18.63
N ARG G 52 2.44 26.63 19.42
CA ARG G 52 3.56 25.72 19.68
C ARG G 52 3.10 24.52 20.49
N LYS G 53 2.27 24.76 21.51
CA LYS G 53 1.81 23.70 22.39
C LYS G 53 0.97 22.68 21.64
N LEU G 55 1.33 22.20 17.77
CA LEU G 55 2.26 21.54 16.87
C LEU G 55 2.97 20.43 17.61
N TYR G 56 3.41 20.69 18.85
CA TYR G 56 4.02 19.62 19.61
C TYR G 56 3.05 18.48 19.91
N ALA G 57 1.76 18.76 20.11
CA ALA G 57 0.79 17.68 20.31
C ALA G 57 0.60 16.87 19.03
N LEU G 58 0.50 17.57 17.90
CA LEU G 58 0.41 16.92 16.60
C LEU G 58 1.64 16.09 16.28
N TYR G 59 2.84 16.55 16.67
CA TYR G 59 4.03 15.76 16.43
C TYR G 59 4.03 14.44 17.22
N ASP G 60 3.60 14.46 18.48
CA ASP G 60 3.51 13.21 19.27
C ASP G 60 2.38 12.29 18.78
N ALA G 61 1.35 12.83 18.14
CA ALA G 61 0.32 12.02 17.53
C ALA G 61 0.72 11.52 16.13
N LYS G 62 1.95 11.77 15.71
CA LYS G 62 2.48 11.41 14.39
C LYS G 62 1.69 11.98 13.21
N LEU G 63 1.16 13.20 13.33
CA LEU G 63 0.48 13.82 12.20
C LEU G 63 1.24 15.03 11.64
N ALA G 64 2.34 15.42 12.24
CA ALA G 64 3.09 16.54 11.73
C ALA G 64 4.54 16.27 11.99
N THR G 65 5.40 16.64 11.05
CA THR G 65 6.83 16.65 11.28
C THR G 65 7.37 18.03 10.99
N ARG G 67 11.47 20.21 10.43
CA ARG G 67 12.79 20.19 9.79
C ARG G 67 13.48 21.48 10.11
N ARG G 68 14.79 21.42 10.21
CA ARG G 68 15.58 22.46 10.81
C ARG G 68 16.26 23.26 9.73
N VAL G 69 16.07 24.58 9.77
CA VAL G 69 16.74 25.46 8.84
C VAL G 69 17.67 26.46 9.52
N ARG G 70 18.76 26.78 8.83
CA ARG G 70 19.81 27.70 9.27
C ARG G 70 19.72 29.00 8.49
N ASP G 71 19.54 30.08 9.20
CA ASP G 71 19.55 31.38 8.53
C ASP G 71 21.02 31.74 8.29
N ASP G 72 21.43 31.89 7.03
CA ASP G 72 22.87 32.05 6.85
C ASP G 72 23.20 33.48 7.24
N GLU G 73 24.48 33.74 7.47
CA GLU G 73 24.94 35.10 7.74
C GLU G 73 24.59 35.39 9.21
N THR G 74 23.38 35.06 9.68
CA THR G 74 23.05 35.51 11.03
C THR G 74 23.20 34.41 12.09
N GLY G 75 23.17 33.14 11.69
CA GLY G 75 23.24 32.05 12.65
C GLY G 75 22.00 31.60 13.41
N TRP G 76 20.84 32.26 13.32
CA TRP G 76 19.78 31.67 14.15
C TRP G 76 19.06 30.53 13.44
N TYR G 77 18.43 29.65 14.24
CA TYR G 77 17.65 28.57 13.66
C TYR G 77 16.16 28.93 13.65
N TYR G 78 15.41 28.36 12.69
CA TYR G 78 13.95 28.36 12.69
C TYR G 78 13.37 27.03 12.15
N TYR G 79 12.20 26.58 12.69
CA TYR G 79 11.65 25.28 12.31
C TYR G 79 10.52 25.47 11.29
N TYR G 80 10.51 24.62 10.25
CA TYR G 80 9.40 24.49 9.30
C TYR G 80 8.45 23.34 9.55
N TRP G 81 7.24 23.64 9.99
CA TRP G 81 6.29 22.57 10.20
C TRP G 81 5.58 22.27 8.88
N ARG G 82 5.12 21.04 8.73
CA ARG G 82 4.31 20.56 7.63
C ARG G 82 3.45 19.43 8.14
N ILE G 83 2.31 19.23 7.48
CA ILE G 83 1.51 18.06 7.80
C ILE G 83 2.25 16.87 7.25
N ASP G 84 2.29 15.79 8.03
CA ASP G 84 3.00 14.61 7.56
C ASP G 84 2.05 13.72 6.78
N THR G 85 1.99 13.90 5.46
CA THR G 85 1.01 13.03 4.88
C THR G 85 1.64 11.71 4.49
N LYS G 86 2.96 11.54 4.74
CA LYS G 86 3.57 10.26 4.39
C LYS G 86 3.16 9.18 5.38
N ARG G 87 3.14 9.53 6.68
CA ARG G 87 2.75 8.60 7.73
C ARG G 87 1.29 8.76 8.15
N LEU G 88 0.55 9.62 7.46
CA LEU G 88 -0.85 9.86 7.82
C LEU G 88 -1.68 8.58 7.72
N PRO G 89 -1.62 7.81 6.62
CA PRO G 89 -2.43 6.60 6.54
C PRO G 89 -2.15 5.57 7.63
N GLU G 90 -0.92 5.41 8.10
CA GLU G 90 -0.70 4.48 9.20
C GLU G 90 -1.41 4.95 10.47
N VAL G 91 -1.42 6.24 10.72
CA VAL G 91 -2.09 6.74 11.89
C VAL G 91 -3.59 6.50 11.75
N ILE G 92 -4.13 6.67 10.53
CA ILE G 92 -5.55 6.42 10.28
C ILE G 92 -5.92 4.96 10.59
N ARG G 93 -5.08 4.03 10.12
CA ARG G 93 -5.41 2.63 10.33
C ARG G 93 -5.35 2.26 11.80
N THR G 94 -4.39 2.84 12.51
CA THR G 94 -4.32 2.61 13.94
C THR G 94 -5.53 3.19 14.63
N ARG G 95 -5.98 4.36 14.20
CA ARG G 95 -7.13 4.90 14.88
C ARG G 95 -8.32 3.97 14.72
N LYS G 96 -8.51 3.38 13.54
CA LYS G 96 -9.62 2.45 13.37
C LYS G 96 -9.43 1.20 14.23
N LEU G 97 -8.20 0.69 14.33
CA LEU G 97 -7.97 -0.55 15.07
C LEU G 97 -8.13 -0.36 16.57
N GLN G 98 -7.69 0.77 17.12
CA GLN G 98 -7.87 1.01 18.55
C GLN G 98 -9.32 1.14 18.93
N GLU G 99 -10.11 1.78 18.08
CA GLU G 99 -11.54 1.93 18.37
C GLU G 99 -12.23 0.57 18.42
N LEU G 100 -11.82 -0.34 17.53
CA LEU G 100 -12.35 -1.69 17.50
C LEU G 100 -11.98 -2.47 18.74
N GLU G 101 -10.74 -2.32 19.20
CA GLU G 101 -10.29 -3.04 20.37
C GLU G 101 -11.06 -2.57 21.61
N LYS G 102 -11.43 -1.28 21.63
CA LYS G 102 -12.30 -0.75 22.67
C LYS G 102 -13.66 -1.43 22.67
N LEU G 103 -14.19 -1.73 21.49
CA LEU G 103 -15.47 -2.43 21.43
C LEU G 103 -15.29 -3.89 21.83
N LYS G 104 -14.16 -4.49 21.46
CA LYS G 104 -13.96 -5.90 21.78
C LYS G 104 -13.98 -6.18 23.28
N GLN G 105 -13.39 -5.31 24.11
CA GLN G 105 -13.50 -5.59 25.53
C GLN G 105 -14.93 -5.51 25.99
N LEU G 107 -17.56 -6.38 24.36
CA LEU G 107 -18.25 -7.63 24.09
C LEU G 107 -17.77 -8.75 25.00
N GLN G 108 -16.64 -8.56 25.66
CA GLN G 108 -16.14 -9.57 26.55
C GLN G 108 -16.62 -9.34 27.98
N GLU G 109 -17.25 -8.21 28.27
CA GLU G 109 -17.74 -7.90 29.62
C GLU G 109 -18.67 -8.96 30.21
N ASN H 7 -35.82 -16.61 20.43
CA ASN H 7 -35.03 -15.47 19.97
C ASN H 7 -34.93 -15.44 18.46
N THR H 8 -34.98 -14.24 17.87
CA THR H 8 -34.42 -14.06 16.54
C THR H 8 -33.01 -14.61 16.47
N ALA H 9 -32.21 -14.44 17.54
CA ALA H 9 -30.82 -14.87 17.45
C ALA H 9 -30.64 -16.40 17.43
N LEU H 10 -31.38 -17.13 18.25
CA LEU H 10 -31.29 -18.59 18.23
C LEU H 10 -31.69 -19.16 16.87
N LEU H 11 -32.78 -18.65 16.31
CA LEU H 11 -33.26 -19.12 15.02
C LEU H 11 -32.30 -18.78 13.92
N ASP H 12 -31.60 -17.66 14.05
CA ASP H 12 -30.61 -17.32 13.03
C ASP H 12 -29.48 -18.33 13.01
N ALA H 14 -29.78 -21.37 14.15
CA ALA H 14 -30.45 -22.61 13.76
C ALA H 14 -30.74 -22.65 12.26
N ARG H 15 -31.13 -21.51 11.67
CA ARG H 15 -31.35 -21.45 10.22
C ARG H 15 -30.08 -21.71 9.43
N ASP H 16 -28.97 -21.15 9.89
CA ASP H 16 -27.67 -21.36 9.26
C ASP H 16 -27.22 -22.80 9.38
N ILE H 17 -27.69 -23.52 10.40
CA ILE H 17 -27.31 -24.92 10.63
C ILE H 17 -28.06 -25.87 9.71
N GLY H 18 -29.39 -25.81 9.69
CA GLY H 18 -30.19 -26.77 8.93
C GLY H 18 -31.44 -26.26 8.22
N GLY H 19 -31.45 -24.99 7.86
CA GLY H 19 -32.51 -24.39 7.08
C GLY H 19 -33.84 -24.38 7.81
N ASP H 20 -34.93 -24.45 7.03
CA ASP H 20 -36.29 -24.33 7.58
C ASP H 20 -36.62 -25.40 8.63
N GLU H 21 -36.15 -26.63 8.44
CA GLU H 21 -36.49 -27.68 9.41
C GLU H 21 -35.89 -27.37 10.77
N ALA H 22 -34.62 -26.97 10.79
CA ALA H 22 -34.00 -26.63 12.05
C ALA H 22 -34.75 -25.52 12.74
N VAL H 23 -35.14 -24.48 11.99
CA VAL H 23 -35.93 -23.41 12.60
C VAL H 23 -37.25 -23.94 13.14
N GLU H 24 -37.87 -24.89 12.44
CA GLU H 24 -39.09 -25.52 12.94
C GLU H 24 -38.85 -26.33 14.19
N VAL H 25 -37.76 -27.08 14.22
CA VAL H 25 -37.51 -27.95 15.37
C VAL H 25 -37.26 -27.11 16.62
N VAL H 26 -36.44 -26.06 16.50
CA VAL H 26 -36.13 -25.18 17.62
C VAL H 26 -37.36 -24.41 18.08
N LYS H 27 -38.13 -23.86 17.13
CA LYS H 27 -39.34 -23.14 17.50
C LYS H 27 -40.25 -24.05 18.29
N ALA H 28 -40.31 -25.32 17.86
CA ALA H 28 -41.15 -26.32 18.51
C ALA H 28 -40.55 -26.72 19.85
N LEU H 29 -39.23 -26.78 19.92
CA LEU H 29 -38.55 -27.10 21.17
C LEU H 29 -38.78 -26.02 22.22
N GLU H 30 -38.76 -24.75 21.81
CA GLU H 30 -39.03 -23.70 22.79
C GLU H 30 -40.45 -23.76 23.30
N LYS H 31 -41.43 -23.99 22.41
CA LYS H 31 -42.83 -24.04 22.85
C LYS H 31 -43.11 -25.23 23.77
N LYS H 32 -42.50 -26.38 23.52
CA LYS H 32 -42.81 -27.55 24.31
C LYS H 32 -41.93 -27.68 25.52
N GLY H 33 -40.79 -26.98 25.53
CA GLY H 33 -39.88 -27.19 26.63
C GLY H 33 -38.99 -28.36 26.34
N GLU H 34 -39.60 -29.54 26.41
CA GLU H 34 -38.97 -30.80 26.03
C GLU H 34 -39.81 -31.57 25.00
N ALA H 35 -39.13 -32.33 24.15
CA ALA H 35 -39.84 -33.14 23.16
C ALA H 35 -38.97 -34.33 22.79
N THR H 36 -39.66 -35.39 22.41
CA THR H 36 -39.11 -36.59 21.83
C THR H 36 -38.93 -36.42 20.34
N ASP H 37 -38.16 -37.33 19.76
CA ASP H 37 -38.03 -37.36 18.31
C ASP H 37 -39.39 -37.53 17.65
N GLU H 38 -40.25 -38.40 18.20
CA GLU H 38 -41.53 -38.66 17.53
C GLU H 38 -42.46 -37.44 17.51
N GLU H 39 -42.56 -36.70 18.61
CA GLU H 39 -43.38 -35.50 18.59
C GLU H 39 -42.89 -34.50 17.57
N LEU H 40 -41.58 -34.38 17.46
CA LEU H 40 -40.98 -33.40 16.57
C LEU H 40 -41.17 -33.76 15.11
N ALA H 41 -41.09 -35.04 14.74
CA ALA H 41 -41.33 -35.39 13.34
C ALA H 41 -42.75 -35.03 12.89
N GLU H 42 -43.77 -35.24 13.74
CA GLU H 42 -45.13 -34.84 13.37
C GLU H 42 -45.34 -33.34 13.44
N LEU H 43 -44.82 -32.72 14.50
CA LEU H 43 -44.96 -31.30 14.66
C LEU H 43 -44.41 -30.60 13.44
N THR H 44 -43.31 -31.11 12.89
CA THR H 44 -42.61 -30.40 11.84
C THR H 44 -42.98 -30.97 10.48
N GLY H 45 -43.52 -32.19 10.43
CA GLY H 45 -43.81 -32.91 9.20
C GLY H 45 -42.61 -33.53 8.56
N VAL H 46 -41.52 -33.60 9.29
CA VAL H 46 -40.24 -34.13 8.88
C VAL H 46 -40.11 -35.58 9.34
N ARG H 47 -39.44 -36.41 8.53
CA ARG H 47 -39.26 -37.81 8.88
C ARG H 47 -38.45 -37.88 10.18
N VAL H 48 -38.78 -38.85 11.04
CA VAL H 48 -38.17 -38.92 12.37
C VAL H 48 -36.66 -39.12 12.30
N ASN H 49 -36.19 -39.81 11.27
CA ASN H 49 -34.74 -39.91 11.05
C ASN H 49 -34.12 -38.53 10.85
N THR H 50 -34.80 -37.67 10.09
CA THR H 50 -34.28 -36.32 9.88
C THR H 50 -34.32 -35.50 11.17
N VAL H 51 -35.41 -35.59 11.94
CA VAL H 51 -35.46 -34.93 13.25
C VAL H 51 -34.27 -35.33 14.11
N ARG H 52 -33.91 -36.62 14.11
CA ARG H 52 -32.80 -37.08 14.93
C ARG H 52 -31.51 -36.43 14.44
N LYS H 53 -31.35 -36.36 13.11
CA LYS H 53 -30.16 -35.80 12.49
C LYS H 53 -30.00 -34.33 12.88
N LEU H 55 -31.43 -32.85 15.60
CA LEU H 55 -31.18 -32.70 17.02
C LEU H 55 -29.72 -33.03 17.35
N TYR H 56 -29.21 -34.12 16.80
CA TYR H 56 -27.80 -34.43 17.02
C TYR H 56 -26.88 -33.37 16.41
N ALA H 57 -27.26 -32.75 15.28
CA ALA H 57 -26.48 -31.66 14.67
C ALA H 57 -26.48 -30.41 15.54
N LEU H 58 -27.63 -30.05 16.07
CA LEU H 58 -27.77 -28.93 16.98
C LEU H 58 -26.93 -29.13 18.23
N TYR H 59 -26.83 -30.38 18.71
CA TYR H 59 -26.04 -30.71 19.88
C TYR H 59 -24.54 -30.46 19.72
N ASP H 60 -23.99 -30.76 18.56
CA ASP H 60 -22.58 -30.49 18.31
C ASP H 60 -22.28 -29.01 18.19
N ALA H 61 -23.27 -28.20 17.84
CA ALA H 61 -23.16 -26.75 17.80
C ALA H 61 -23.41 -26.12 19.16
N LYS H 62 -23.55 -26.97 20.16
CA LYS H 62 -23.84 -26.63 21.55
C LYS H 62 -25.12 -25.83 21.74
N LEU H 63 -26.16 -26.13 20.96
CA LEU H 63 -27.44 -25.47 21.19
C LEU H 63 -28.57 -26.38 21.68
N ALA H 64 -28.37 -27.69 21.80
CA ALA H 64 -29.46 -28.53 22.27
C ALA H 64 -28.87 -29.66 23.11
N THR H 65 -29.56 -30.02 24.17
CA THR H 65 -29.25 -31.21 24.95
C THR H 65 -30.45 -32.14 25.03
N ARG H 67 -31.89 -35.88 27.65
CA ARG H 67 -31.85 -36.55 28.94
C ARG H 67 -32.85 -37.67 28.84
N ARG H 68 -32.57 -38.76 29.54
CA ARG H 68 -33.27 -40.01 29.30
C ARG H 68 -34.22 -40.05 30.49
N VAL H 69 -35.51 -40.21 30.20
CA VAL H 69 -36.53 -40.34 31.24
C VAL H 69 -37.19 -41.69 31.13
N ARG H 70 -37.59 -42.21 32.30
CA ARG H 70 -38.20 -43.52 32.41
C ARG H 70 -39.68 -43.28 32.67
N ASP H 71 -40.54 -43.76 31.78
CA ASP H 71 -41.97 -43.62 32.01
C ASP H 71 -42.37 -44.69 33.03
N ASP H 72 -42.80 -44.28 34.22
CA ASP H 72 -43.02 -45.30 35.24
C ASP H 72 -44.34 -46.04 35.06
N GLU H 73 -45.29 -45.47 34.31
CA GLU H 73 -46.53 -46.17 33.96
C GLU H 73 -46.23 -47.35 33.05
N THR H 74 -45.48 -47.10 31.97
CA THR H 74 -45.29 -48.11 30.94
C THR H 74 -43.93 -48.77 31.06
N GLY H 75 -42.96 -48.16 31.76
CA GLY H 75 -41.60 -48.66 31.87
C GLY H 75 -40.59 -48.43 30.76
N TRP H 76 -40.97 -47.88 29.61
CA TRP H 76 -39.98 -47.64 28.54
C TRP H 76 -39.22 -46.31 28.66
N TYR H 77 -38.03 -46.24 28.01
CA TYR H 77 -37.31 -44.96 27.98
C TYR H 77 -37.59 -44.28 26.64
N TYR H 78 -37.55 -42.96 26.66
CA TYR H 78 -37.53 -42.07 25.51
C TYR H 78 -36.64 -40.86 25.81
N TYR H 79 -35.97 -40.29 24.80
CA TYR H 79 -35.08 -39.18 25.12
C TYR H 79 -35.86 -37.89 24.83
N TYR H 80 -35.71 -37.00 25.78
CA TYR H 80 -36.12 -35.60 25.76
C TYR H 80 -35.09 -34.53 25.44
N TRP H 81 -35.24 -33.91 24.27
CA TRP H 81 -34.36 -32.82 23.88
C TRP H 81 -34.93 -31.53 24.48
N ARG H 82 -34.06 -30.55 24.67
CA ARG H 82 -34.38 -29.20 25.13
C ARG H 82 -33.38 -28.22 24.56
N ILE H 83 -33.77 -26.94 24.47
CA ILE H 83 -32.74 -26.00 24.08
C ILE H 83 -31.80 -25.93 25.26
N ASP H 84 -30.51 -25.95 24.97
CA ASP H 84 -29.46 -25.90 25.99
C ASP H 84 -29.21 -24.47 26.38
N THR H 85 -29.86 -24.05 27.45
CA THR H 85 -29.69 -22.66 27.82
C THR H 85 -28.50 -22.43 28.73
N LYS H 86 -27.96 -23.45 29.39
CA LYS H 86 -26.84 -23.12 30.26
C LYS H 86 -25.62 -22.71 29.45
N ARG H 87 -25.34 -23.41 28.34
CA ARG H 87 -24.19 -23.02 27.54
C ARG H 87 -24.58 -22.15 26.35
N LEU H 88 -25.85 -21.79 26.23
CA LEU H 88 -26.30 -20.98 25.10
C LEU H 88 -25.66 -19.60 25.07
N PRO H 89 -25.64 -18.85 26.19
CA PRO H 89 -25.05 -17.49 26.19
C PRO H 89 -23.60 -17.39 25.80
N GLU H 90 -22.74 -18.37 26.15
CA GLU H 90 -21.36 -18.33 25.68
C GLU H 90 -21.29 -18.48 24.15
N VAL H 91 -22.17 -19.30 23.56
CA VAL H 91 -22.13 -19.47 22.10
C VAL H 91 -22.50 -18.13 21.45
N ILE H 92 -23.45 -17.41 22.04
CA ILE H 92 -23.83 -16.11 21.50
C ILE H 92 -22.60 -15.21 21.52
N ARG H 93 -21.87 -15.20 22.65
CA ARG H 93 -20.72 -14.34 22.77
C ARG H 93 -19.60 -14.75 21.85
N THR H 94 -19.40 -16.05 21.66
CA THR H 94 -18.36 -16.48 20.74
C THR H 94 -18.68 -16.10 19.28
N ARG H 95 -19.94 -16.23 18.86
CA ARG H 95 -20.24 -15.84 17.49
C ARG H 95 -19.97 -14.35 17.24
N LYS H 96 -20.32 -13.48 18.21
CA LYS H 96 -20.11 -12.05 18.03
C LYS H 96 -18.63 -11.74 17.96
N LEU H 97 -17.83 -12.42 18.78
CA LEU H 97 -16.41 -12.12 18.79
C LEU H 97 -15.75 -12.63 17.51
N GLN H 98 -16.19 -13.79 17.01
CA GLN H 98 -15.64 -14.34 15.78
C GLN H 98 -15.93 -13.47 14.58
N GLU H 99 -17.14 -12.89 14.52
CA GLU H 99 -17.46 -12.00 13.40
C GLU H 99 -16.60 -10.76 13.40
N LEU H 100 -16.33 -10.23 14.59
CA LEU H 100 -15.50 -9.06 14.75
C LEU H 100 -14.06 -9.33 14.39
N GLU H 101 -13.58 -10.50 14.76
CA GLU H 101 -12.20 -10.84 14.49
C GLU H 101 -11.99 -10.94 12.99
N LYS H 102 -13.01 -11.37 12.24
CA LYS H 102 -12.90 -11.29 10.79
C LYS H 102 -12.77 -9.84 10.33
N LEU H 103 -13.50 -8.94 10.98
CA LEU H 103 -13.37 -7.54 10.60
C LEU H 103 -12.03 -6.97 11.04
N LYS H 104 -11.54 -7.39 12.20
CA LYS H 104 -10.26 -6.87 12.64
C LYS H 104 -9.17 -7.17 11.65
N GLN H 105 -9.21 -8.36 11.04
CA GLN H 105 -8.23 -8.69 10.01
C GLN H 105 -8.41 -7.82 8.78
N LEU H 107 -9.22 -4.56 8.73
CA LEU H 107 -8.53 -3.30 9.05
C LEU H 107 -7.01 -3.43 9.00
N GLN H 108 -6.48 -4.65 9.00
CA GLN H 108 -5.04 -4.89 8.92
C GLN H 108 -4.57 -5.10 7.48
N GLU H 109 -5.49 -5.18 6.53
CA GLU H 109 -5.08 -5.42 5.16
C GLU H 109 -5.51 -4.30 4.21
#